data_2RAB
#
_entry.id   2RAB
#
_cell.length_a   71.989
_cell.length_b   71.989
_cell.length_c   224.603
_cell.angle_alpha   90.00
_cell.angle_beta   90.00
_cell.angle_gamma   90.00
#
_symmetry.space_group_name_H-M   'P 41'
#
loop_
_entity.id
_entity.type
_entity.pdbx_description
1 polymer 'glutathione amide reductase'
2 non-polymer 'FLAVIN-ADENINE DINUCLEOTIDE'
3 non-polymer NICOTINAMIDE-ADENINE-DINUCLEOTIDE
4 non-polymer 'CHLORIDE ION'
5 non-polymer 'NICKEL (II) ION'
6 water water
#
_entity_poly.entity_id   1
_entity_poly.type   'polypeptide(L)'
_entity_poly.pdbx_seq_one_letter_code
;MTQHFDLIAIGGGSGGLAVAEKAAAFGKRVALIESKALGGTCVNVGCVPKKVMWYASHLAEAVRDAPGFGVQASGGTLDW
PRLVAGRDRYIGAINSFWDGYVERLGITRVDGHARFVDAHTIEVEGQRLSADHIVIATGGRPIVPRLPGAELGITSDGFF
ALQQQPKRVAIIGAGYIGIELAGLLRSFGSEVTVVALEDRLLFQFDPLLSATLAENMHAQGIETHLEFAVAALERDAQGT
TLVAQDGTRLEGFDSVIWAVGRAPNTRDLGLEAAGIEVQSNGMVPTDAYQNTNVPGVYALGDITGRDQLTPVAIAAGRRL
AERLFDGQSERKLDYDNIPTVVFAHPPLSKVGLSEPEARERLGDVLTVYETSFTPMRYALNEHGPKTAMKLVCAGPEQRV
VGVHVIGDGADEMLQGFAVAVKMGATKADFDNTVAIHPGSAEELVTLKEPVRRPGDPLPEGAA
;
_entity_poly.pdbx_strand_id   A,B
#
loop_
_chem_comp.id
_chem_comp.type
_chem_comp.name
_chem_comp.formula
CL non-polymer 'CHLORIDE ION' 'Cl -1'
FAD non-polymer 'FLAVIN-ADENINE DINUCLEOTIDE' 'C27 H33 N9 O15 P2'
NAD non-polymer NICOTINAMIDE-ADENINE-DINUCLEOTIDE 'C21 H27 N7 O14 P2'
NI non-polymer 'NICKEL (II) ION' 'Ni 2'
#
# COMPACT_ATOMS: atom_id res chain seq x y z
N THR A 2 10.52 -40.97 21.95
CA THR A 2 11.07 -40.72 23.31
C THR A 2 12.51 -40.19 23.23
N GLN A 3 13.19 -40.57 22.15
CA GLN A 3 14.60 -40.21 21.91
C GLN A 3 14.91 -40.28 20.41
N HIS A 4 13.93 -40.73 19.65
CA HIS A 4 14.10 -40.98 18.21
C HIS A 4 13.60 -39.80 17.37
N PHE A 5 13.32 -38.68 18.03
CA PHE A 5 12.88 -37.45 17.35
C PHE A 5 14.06 -36.73 16.69
N ASP A 6 13.84 -36.25 15.47
CA ASP A 6 14.84 -35.42 14.81
C ASP A 6 14.77 -34.03 15.43
N LEU A 7 13.57 -33.61 15.82
CA LEU A 7 13.35 -32.26 16.33
C LEU A 7 12.31 -32.22 17.43
N ILE A 8 12.60 -31.47 18.50
CA ILE A 8 11.59 -31.02 19.44
C ILE A 8 11.52 -29.50 19.35
N ALA A 9 10.37 -28.98 18.95
CA ALA A 9 10.15 -27.55 18.99
C ALA A 9 9.40 -27.21 20.27
N ILE A 10 9.96 -26.30 21.06
CA ILE A 10 9.33 -25.87 22.31
C ILE A 10 8.59 -24.56 22.07
N GLY A 11 7.26 -24.60 22.17
CA GLY A 11 6.40 -23.45 21.89
C GLY A 11 5.69 -23.61 20.55
N GLY A 12 4.36 -23.57 20.56
CA GLY A 12 3.57 -23.64 19.33
C GLY A 12 3.12 -22.28 18.82
N GLY A 13 4.02 -21.30 18.92
CA GLY A 13 3.79 -19.98 18.38
C GLY A 13 4.44 -19.86 17.03
N SER A 14 4.73 -18.63 16.62
CA SER A 14 5.19 -18.37 15.27
C SER A 14 6.48 -19.13 14.92
N GLY A 15 7.49 -19.04 15.78
CA GLY A 15 8.76 -19.72 15.52
C GLY A 15 8.69 -21.24 15.60
N GLY A 16 8.01 -21.75 16.63
CA GLY A 16 7.89 -23.18 16.85
C GLY A 16 7.12 -23.90 15.75
N LEU A 17 5.96 -23.34 15.41
CA LEU A 17 5.13 -23.82 14.31
C LEU A 17 5.91 -23.86 13.01
N ALA A 18 6.63 -22.77 12.74
CA ALA A 18 7.35 -22.60 11.48
C ALA A 18 8.48 -23.62 11.30
N VAL A 19 9.28 -23.82 12.34
CA VAL A 19 10.36 -24.81 12.27
C VAL A 19 9.81 -26.25 12.25
N ALA A 20 8.79 -26.52 13.08
CA ALA A 20 8.13 -27.83 13.09
C ALA A 20 7.53 -28.18 11.73
N GLU A 21 6.76 -27.24 11.16
CA GLU A 21 6.14 -27.45 9.85
C GLU A 21 7.16 -27.80 8.76
N LYS A 22 8.24 -27.02 8.65
CA LYS A 22 9.21 -27.20 7.57
C LYS A 22 10.02 -28.48 7.80
N ALA A 23 10.42 -28.74 9.04
CA ALA A 23 11.05 -30.02 9.39
C ALA A 23 10.14 -31.20 9.06
N ALA A 24 8.84 -31.08 9.39
CA ALA A 24 7.89 -32.15 9.11
C ALA A 24 7.82 -32.37 7.61
N ALA A 25 7.77 -31.27 6.86
CA ALA A 25 7.71 -31.32 5.39
C ALA A 25 8.95 -31.99 4.76
N PHE A 26 10.12 -31.85 5.41
CA PHE A 26 11.32 -32.54 4.96
C PHE A 26 11.37 -33.99 5.45
N GLY A 27 10.24 -34.53 5.93
CA GLY A 27 10.14 -35.93 6.31
C GLY A 27 10.73 -36.32 7.66
N LYS A 28 11.03 -35.33 8.49
CA LYS A 28 11.62 -35.57 9.80
C LYS A 28 10.55 -35.94 10.82
N ARG A 29 10.98 -36.57 11.91
CA ARG A 29 10.11 -36.91 13.02
C ARG A 29 10.16 -35.77 14.04
N VAL A 30 9.02 -35.15 14.28
CA VAL A 30 8.97 -33.87 14.99
C VAL A 30 8.02 -33.91 16.18
N ALA A 31 8.52 -33.43 17.33
CA ALA A 31 7.66 -33.17 18.48
C ALA A 31 7.50 -31.66 18.70
N LEU A 32 6.27 -31.25 19.00
CA LEU A 32 5.96 -29.86 19.26
C LEU A 32 5.32 -29.76 20.64
N ILE A 33 5.93 -28.97 21.51
CA ILE A 33 5.43 -28.82 22.87
C ILE A 33 4.75 -27.47 22.98
N GLU A 34 3.51 -27.47 23.45
CA GLU A 34 2.77 -26.24 23.71
C GLU A 34 2.03 -26.35 25.04
N SER A 35 2.13 -25.32 25.86
CA SER A 35 1.46 -25.30 27.17
C SER A 35 0.07 -24.66 27.13
N LYS A 36 -0.22 -23.89 26.09
CA LYS A 36 -1.50 -23.22 25.95
C LYS A 36 -2.09 -23.49 24.56
N ALA A 37 -2.38 -22.45 23.78
CA ALA A 37 -2.96 -22.63 22.45
C ALA A 37 -1.90 -22.53 21.36
N LEU A 38 -2.04 -23.34 20.32
CA LEU A 38 -1.23 -23.19 19.11
C LEU A 38 -1.49 -21.83 18.49
N GLY A 39 -0.49 -21.32 17.78
CA GLY A 39 -0.57 -20.01 17.15
C GLY A 39 0.14 -18.96 17.97
N GLY A 40 0.38 -19.27 19.24
CA GLY A 40 1.09 -18.40 20.15
C GLY A 40 0.42 -17.05 20.37
N THR A 41 1.26 -16.03 20.48
CA THR A 41 0.83 -14.67 20.82
C THR A 41 0.08 -14.03 19.66
N CYS A 42 0.65 -14.12 18.46
CA CYS A 42 0.12 -13.45 17.29
C CYS A 42 -1.34 -13.78 17.02
N VAL A 43 -1.64 -15.07 16.96
CA VAL A 43 -2.98 -15.57 16.70
C VAL A 43 -3.96 -15.27 17.84
N ASN A 44 -3.50 -15.32 19.09
CA ASN A 44 -4.41 -15.26 20.23
C ASN A 44 -4.53 -13.90 20.94
N VAL A 45 -3.40 -13.23 21.14
CA VAL A 45 -3.34 -11.98 21.92
C VAL A 45 -2.42 -10.94 21.27
N GLY A 46 -2.13 -11.11 19.98
CA GLY A 46 -1.22 -10.20 19.29
C GLY A 46 -1.75 -9.68 17.98
N CYS A 47 -0.96 -9.87 16.93
CA CYS A 47 -1.21 -9.32 15.60
C CYS A 47 -2.67 -9.44 15.13
N VAL A 48 -3.24 -10.64 15.23
CA VAL A 48 -4.53 -10.90 14.58
C VAL A 48 -5.73 -10.23 15.27
N PRO A 49 -5.88 -10.40 16.60
CA PRO A 49 -6.96 -9.72 17.29
C PRO A 49 -6.85 -8.21 17.10
N LYS A 50 -5.64 -7.71 17.22
CA LYS A 50 -5.38 -6.28 17.11
C LYS A 50 -5.75 -5.74 15.72
N LYS A 51 -5.33 -6.46 14.67
CA LYS A 51 -5.65 -6.05 13.31
C LYS A 51 -7.16 -6.14 13.04
N VAL A 52 -7.83 -7.13 13.63
CA VAL A 52 -9.29 -7.23 13.47
C VAL A 52 -9.93 -5.97 14.04
N MET A 53 -9.49 -5.57 15.24
CA MET A 53 -10.05 -4.40 15.90
C MET A 53 -9.64 -3.13 15.18
N TRP A 54 -8.41 -3.11 14.66
CA TRP A 54 -7.93 -2.00 13.84
C TRP A 54 -8.84 -1.68 12.65
N TYR A 55 -9.33 -2.73 11.99
CA TYR A 55 -10.32 -2.54 10.94
C TYR A 55 -11.63 -1.92 11.41
N ALA A 56 -12.14 -2.38 12.55
CA ALA A 56 -13.35 -1.79 13.12
C ALA A 56 -13.12 -0.29 13.31
N SER A 57 -11.90 0.03 13.74
CA SER A 57 -11.48 1.40 13.99
C SER A 57 -11.35 2.23 12.70
N HIS A 58 -10.87 1.59 11.64
CA HIS A 58 -10.74 2.17 10.30
C HIS A 58 -12.14 2.48 9.80
N LEU A 59 -13.07 1.54 10.00
CA LEU A 59 -14.46 1.72 9.58
C LEU A 59 -15.21 2.79 10.37
N ALA A 60 -14.98 2.87 11.68
CA ALA A 60 -15.56 3.95 12.49
C ALA A 60 -15.11 5.33 11.97
N GLU A 61 -13.85 5.42 11.57
CA GLU A 61 -13.32 6.66 11.02
C GLU A 61 -13.92 6.96 9.64
N ALA A 62 -14.08 5.89 8.85
CA ALA A 62 -14.76 5.97 7.57
C ALA A 62 -16.21 6.44 7.76
N VAL A 63 -16.88 5.92 8.79
CA VAL A 63 -18.22 6.38 9.13
C VAL A 63 -18.23 7.88 9.47
N ARG A 64 -17.28 8.35 10.29
CA ARG A 64 -17.16 9.77 10.62
C ARG A 64 -16.94 10.64 9.39
N ASP A 65 -16.09 10.18 8.47
CA ASP A 65 -15.68 11.00 7.32
C ASP A 65 -16.64 10.97 6.14
N ALA A 66 -17.54 10.00 6.13
CA ALA A 66 -18.43 9.78 4.99
C ALA A 66 -19.33 10.97 4.59
N PRO A 67 -19.97 11.66 5.56
CA PRO A 67 -20.80 12.81 5.20
C PRO A 67 -20.07 13.88 4.39
N GLY A 68 -18.79 14.11 4.73
CA GLY A 68 -17.96 15.11 4.04
C GLY A 68 -17.89 14.82 2.55
N PHE A 69 -17.92 13.54 2.20
CA PHE A 69 -17.90 13.08 0.81
C PHE A 69 -19.30 12.89 0.20
N GLY A 70 -20.33 13.31 0.93
CA GLY A 70 -21.70 13.17 0.44
C GLY A 70 -22.38 11.85 0.78
N VAL A 71 -21.68 10.98 1.50
CA VAL A 71 -22.23 9.69 1.93
C VAL A 71 -22.95 9.87 3.28
N GLN A 72 -24.27 9.66 3.31
CA GLN A 72 -25.10 9.97 4.49
C GLN A 72 -25.11 8.83 5.52
N ALA A 73 -24.20 8.93 6.50
CA ALA A 73 -23.95 7.85 7.46
C ALA A 73 -24.29 8.18 8.93
N SER A 74 -24.66 7.14 9.69
CA SER A 74 -24.88 7.19 11.16
C SER A 74 -25.85 8.29 11.58
N THR A 77 -20.95 4.22 16.23
CA THR A 77 -20.90 3.90 17.66
C THR A 77 -20.77 2.40 17.89
N LEU A 78 -19.73 2.02 18.64
CA LEU A 78 -19.25 0.65 18.69
C LEU A 78 -20.03 -0.27 19.64
N ASP A 79 -20.50 -1.38 19.09
CA ASP A 79 -21.00 -2.51 19.85
C ASP A 79 -19.80 -3.43 20.07
N TRP A 80 -19.12 -3.21 21.19
CA TRP A 80 -17.89 -3.89 21.54
C TRP A 80 -18.07 -5.41 21.68
N PRO A 81 -19.14 -5.87 22.36
CA PRO A 81 -19.38 -7.31 22.36
C PRO A 81 -19.48 -7.93 20.97
N ARG A 82 -20.20 -7.27 20.06
CA ARG A 82 -20.28 -7.71 18.67
C ARG A 82 -18.87 -7.79 18.04
N LEU A 83 -18.04 -6.76 18.23
CA LEU A 83 -16.65 -6.82 17.77
C LEU A 83 -15.91 -8.01 18.39
N VAL A 84 -15.99 -8.14 19.71
CA VAL A 84 -15.32 -9.23 20.43
C VAL A 84 -15.73 -10.61 19.91
N ALA A 85 -17.05 -10.81 19.76
CA ALA A 85 -17.59 -12.07 19.25
C ALA A 85 -17.06 -12.40 17.86
N GLY A 86 -17.09 -11.42 16.95
CA GLY A 86 -16.58 -11.62 15.60
C GLY A 86 -15.09 -11.90 15.57
N ARG A 87 -14.31 -11.04 16.21
CA ARG A 87 -12.87 -11.23 16.38
C ARG A 87 -12.51 -12.65 16.85
N ASP A 88 -13.14 -13.09 17.94
CA ASP A 88 -12.85 -14.38 18.57
C ASP A 88 -13.18 -15.57 17.68
N ARG A 89 -14.31 -15.47 16.98
CA ARG A 89 -14.72 -16.48 16.00
C ARG A 89 -13.65 -16.57 14.90
N TYR A 90 -13.25 -15.42 14.35
CA TYR A 90 -12.16 -15.38 13.37
C TYR A 90 -10.86 -16.01 13.90
N ILE A 91 -10.46 -15.61 15.10
CA ILE A 91 -9.29 -16.17 15.82
C ILE A 91 -9.38 -17.68 16.00
N GLY A 92 -10.55 -18.16 16.42
CA GLY A 92 -10.80 -19.58 16.65
C GLY A 92 -10.47 -20.40 15.42
N ALA A 93 -10.87 -19.89 14.25
CA ALA A 93 -10.69 -20.59 12.99
C ALA A 93 -9.22 -20.83 12.70
N ILE A 94 -8.39 -19.82 12.96
CA ILE A 94 -6.94 -19.98 12.81
C ILE A 94 -6.37 -20.99 13.82
N ASN A 95 -6.81 -20.95 15.07
CA ASN A 95 -6.33 -21.96 16.04
C ASN A 95 -6.70 -23.37 15.57
N SER A 96 -7.95 -23.49 15.10
CA SER A 96 -8.48 -24.75 14.60
C SER A 96 -7.68 -25.23 13.40
N PHE A 97 -7.34 -24.29 12.51
CA PHE A 97 -6.53 -24.63 11.35
C PHE A 97 -5.22 -25.24 11.82
N TRP A 98 -4.54 -24.58 12.76
CA TRP A 98 -3.25 -25.04 13.24
C TRP A 98 -3.35 -26.38 13.96
N ASP A 99 -4.33 -26.50 14.85
CA ASP A 99 -4.57 -27.78 15.51
C ASP A 99 -4.64 -28.88 14.46
N GLY A 100 -5.53 -28.71 13.48
CA GLY A 100 -5.69 -29.68 12.40
C GLY A 100 -4.44 -29.84 11.54
N TYR A 101 -3.75 -28.73 11.29
CA TYR A 101 -2.58 -28.76 10.42
C TYR A 101 -1.45 -29.57 11.02
N VAL A 102 -1.20 -29.37 12.31
CA VAL A 102 -0.12 -30.06 13.01
C VAL A 102 -0.37 -31.58 13.01
N GLU A 103 -1.63 -31.97 13.22
CA GLU A 103 -2.06 -33.36 13.11
C GLU A 103 -1.83 -33.90 11.68
N ARG A 104 -2.19 -33.09 10.70
CA ARG A 104 -2.03 -33.44 9.28
C ARG A 104 -0.57 -33.67 8.90
N LEU A 105 0.33 -32.88 9.46
CA LEU A 105 1.76 -33.01 9.15
C LEU A 105 2.44 -34.18 9.86
N GLY A 106 1.74 -34.79 10.80
CA GLY A 106 2.29 -35.91 11.55
C GLY A 106 3.21 -35.52 12.68
N ILE A 107 3.11 -34.28 13.13
CA ILE A 107 3.86 -33.80 14.29
C ILE A 107 3.27 -34.39 15.56
N THR A 108 4.14 -34.88 16.43
CA THR A 108 3.76 -35.34 17.74
C THR A 108 3.58 -34.13 18.67
N ARG A 109 2.32 -33.76 18.92
CA ARG A 109 2.03 -32.66 19.83
C ARG A 109 2.06 -33.16 21.27
N VAL A 110 2.64 -32.36 22.16
CA VAL A 110 2.65 -32.68 23.58
C VAL A 110 2.18 -31.46 24.36
N ASP A 111 1.11 -31.63 25.14
CA ASP A 111 0.54 -30.55 25.93
C ASP A 111 1.30 -30.36 27.23
N GLY A 112 1.59 -29.11 27.57
CA GLY A 112 2.22 -28.79 28.86
C GLY A 112 3.50 -27.97 28.77
N HIS A 113 4.08 -27.69 29.92
CA HIS A 113 5.28 -26.85 30.04
C HIS A 113 6.56 -27.69 29.99
N ALA A 114 7.35 -27.50 28.94
CA ALA A 114 8.63 -28.20 28.77
C ALA A 114 9.73 -27.53 29.57
N ARG A 115 10.58 -28.34 30.20
CA ARG A 115 11.80 -27.88 30.84
C ARG A 115 12.89 -28.80 30.35
N PHE A 116 14.09 -28.26 30.16
CA PHE A 116 15.28 -29.08 29.90
C PHE A 116 15.67 -29.86 31.15
N VAL A 117 16.10 -31.10 30.94
CA VAL A 117 16.60 -31.93 32.02
C VAL A 117 18.09 -32.15 31.82
N ASP A 118 18.52 -32.12 30.56
CA ASP A 118 19.93 -32.07 30.17
C ASP A 118 20.05 -31.40 28.79
N ALA A 119 21.25 -31.42 28.22
CA ALA A 119 21.53 -30.77 26.93
C ALA A 119 20.65 -31.22 25.77
N HIS A 120 20.08 -32.42 25.86
CA HIS A 120 19.30 -32.96 24.74
C HIS A 120 18.01 -33.67 25.20
N THR A 121 17.52 -33.29 26.38
CA THR A 121 16.33 -33.91 26.93
C THR A 121 15.44 -32.87 27.60
N ILE A 122 14.14 -33.04 27.42
CA ILE A 122 13.16 -32.20 28.07
C ILE A 122 12.19 -33.06 28.89
N GLU A 123 11.53 -32.43 29.86
CA GLU A 123 10.50 -33.10 30.63
C GLU A 123 9.20 -32.29 30.57
N VAL A 124 8.10 -32.96 30.23
CA VAL A 124 6.79 -32.33 30.19
C VAL A 124 5.84 -33.17 31.02
N GLU A 125 5.32 -32.55 32.09
CA GLU A 125 4.45 -33.23 33.05
C GLU A 125 4.88 -34.68 33.34
N GLY A 126 6.19 -34.90 33.47
CA GLY A 126 6.74 -36.20 33.81
C GLY A 126 7.39 -36.98 32.68
N GLN A 127 6.90 -36.80 31.45
CA GLN A 127 7.46 -37.51 30.30
C GLN A 127 8.75 -36.87 29.83
N ARG A 128 9.77 -37.70 29.65
CA ARG A 128 11.05 -37.25 29.10
C ARG A 128 11.16 -37.54 27.61
N LEU A 129 11.66 -36.57 26.84
CA LEU A 129 11.78 -36.70 25.40
C LEU A 129 13.11 -36.11 24.93
N SER A 130 13.84 -36.88 24.14
CA SER A 130 15.09 -36.43 23.58
C SER A 130 14.94 -36.20 22.09
N ALA A 131 15.87 -35.45 21.52
CA ALA A 131 15.97 -35.26 20.09
C ALA A 131 17.39 -34.85 19.71
N ASP A 132 17.72 -34.99 18.44
CA ASP A 132 18.98 -34.52 17.91
C ASP A 132 19.01 -33.00 17.89
N HIS A 133 17.83 -32.40 17.72
CA HIS A 133 17.73 -30.96 17.64
C HIS A 133 16.58 -30.45 18.49
N ILE A 134 16.88 -29.54 19.41
CA ILE A 134 15.84 -28.92 20.23
C ILE A 134 15.79 -27.42 20.00
N VAL A 135 14.65 -26.94 19.50
CA VAL A 135 14.47 -25.52 19.21
C VAL A 135 13.61 -24.87 20.27
N ILE A 136 14.19 -23.90 20.98
CA ILE A 136 13.44 -23.13 21.96
C ILE A 136 12.78 -21.94 21.28
N ALA A 137 11.48 -21.83 21.44
CA ALA A 137 10.69 -20.76 20.84
C ALA A 137 9.51 -20.45 21.76
N THR A 138 9.83 -20.05 22.99
CA THR A 138 8.86 -19.95 24.07
C THR A 138 8.25 -18.55 24.16
N GLY A 139 8.70 -17.64 23.32
CA GLY A 139 8.14 -16.29 23.24
C GLY A 139 8.21 -15.49 24.53
N GLY A 140 7.41 -14.42 24.57
CA GLY A 140 7.39 -13.53 25.72
C GLY A 140 6.03 -13.40 26.38
N ARG A 141 5.95 -12.48 27.35
CA ARG A 141 4.72 -12.17 28.08
C ARG A 141 4.81 -10.68 28.46
N PRO A 142 3.66 -10.02 28.66
CA PRO A 142 3.73 -8.61 29.00
C PRO A 142 4.42 -8.37 30.35
N ILE A 143 5.16 -7.28 30.44
CA ILE A 143 5.79 -6.92 31.70
C ILE A 143 4.80 -6.14 32.57
N VAL A 144 4.66 -6.58 33.82
CA VAL A 144 3.96 -5.85 34.88
C VAL A 144 5.01 -5.42 35.90
N PRO A 145 5.33 -4.10 35.96
CA PRO A 145 6.35 -3.59 36.89
C PRO A 145 6.05 -3.87 38.36
N ARG A 146 7.11 -3.90 39.17
CA ARG A 146 7.01 -4.18 40.60
C ARG A 146 6.82 -2.88 41.37
N LEU A 147 5.73 -2.20 41.04
CA LEU A 147 5.33 -0.95 41.67
C LEU A 147 4.12 -1.21 42.54
N PRO A 148 3.90 -0.34 43.54
CA PRO A 148 2.71 -0.41 44.41
C PRO A 148 1.40 -0.31 43.63
N GLY A 149 0.51 -1.28 43.82
CA GLY A 149 -0.77 -1.29 43.13
C GLY A 149 -0.67 -1.46 41.62
N ALA A 150 0.39 -2.14 41.16
CA ALA A 150 0.59 -2.43 39.74
C ALA A 150 -0.54 -3.32 39.21
N GLU A 151 -1.03 -4.20 40.09
CA GLU A 151 -2.05 -5.18 39.76
C GLU A 151 -3.43 -4.59 39.50
N LEU A 152 -3.60 -3.29 39.74
CA LEU A 152 -4.84 -2.59 39.38
C LEU A 152 -4.91 -2.40 37.87
N GLY A 153 -3.76 -2.28 37.24
CA GLY A 153 -3.68 -2.20 35.79
C GLY A 153 -3.79 -3.57 35.13
N ILE A 154 -4.07 -3.56 33.84
CA ILE A 154 -4.05 -4.78 33.02
C ILE A 154 -2.96 -4.68 31.98
N THR A 155 -2.77 -5.76 31.23
CA THR A 155 -1.80 -5.78 30.14
C THR A 155 -2.53 -5.88 28.82
N SER A 156 -1.77 -6.05 27.72
CA SER A 156 -2.38 -6.26 26.41
C SER A 156 -3.20 -7.55 26.38
N ASP A 157 -2.73 -8.59 27.06
CA ASP A 157 -3.50 -9.82 27.24
C ASP A 157 -4.88 -9.51 27.82
N GLY A 158 -4.90 -8.68 28.86
CA GLY A 158 -6.13 -8.24 29.49
C GLY A 158 -6.98 -7.40 28.56
N PHE A 159 -6.33 -6.63 27.67
CA PHE A 159 -7.06 -5.84 26.68
C PHE A 159 -7.88 -6.73 25.76
N PHE A 160 -7.29 -7.83 25.31
CA PHE A 160 -8.04 -8.71 24.43
C PHE A 160 -9.02 -9.61 25.18
N ALA A 161 -8.97 -9.58 26.51
CA ALA A 161 -9.92 -10.32 27.33
C ALA A 161 -11.16 -9.48 27.69
N LEU A 162 -11.04 -8.16 27.61
CA LEU A 162 -12.14 -7.25 27.96
C LEU A 162 -13.41 -7.55 27.16
N GLN A 163 -14.50 -7.74 27.88
CA GLN A 163 -15.78 -8.08 27.27
C GLN A 163 -16.61 -6.84 27.00
N GLN A 164 -16.29 -5.75 27.71
CA GLN A 164 -16.96 -4.46 27.50
C GLN A 164 -15.92 -3.35 27.30
N GLN A 165 -16.27 -2.37 26.48
CA GLN A 165 -15.41 -1.22 26.22
C GLN A 165 -15.23 -0.30 27.43
N PRO A 166 -13.99 -0.16 27.91
CA PRO A 166 -13.71 0.78 28.98
C PRO A 166 -13.96 2.23 28.53
N LYS A 167 -14.39 3.08 29.45
CA LYS A 167 -14.80 4.46 29.12
C LYS A 167 -13.65 5.44 29.16
N ARG A 168 -12.74 5.27 30.12
CA ARG A 168 -11.64 6.23 30.36
C ARG A 168 -10.36 5.47 30.67
N VAL A 169 -9.48 5.40 29.67
CA VAL A 169 -8.31 4.52 29.71
C VAL A 169 -6.99 5.28 29.85
N ALA A 170 -6.09 4.76 30.71
CA ALA A 170 -4.71 5.24 30.78
C ALA A 170 -3.78 4.17 30.20
N ILE A 171 -2.96 4.57 29.22
CA ILE A 171 -1.98 3.69 28.59
C ILE A 171 -0.60 4.08 29.10
N ILE A 172 0.06 3.15 29.78
CA ILE A 172 1.42 3.40 30.24
C ILE A 172 2.41 2.75 29.26
N GLY A 173 3.07 3.58 28.46
CA GLY A 173 3.99 3.11 27.44
C GLY A 173 3.63 3.59 26.04
N ALA A 174 4.58 4.23 25.38
CA ALA A 174 4.38 4.73 24.03
C ALA A 174 5.21 3.97 22.98
N GLY A 175 5.43 2.68 23.22
CA GLY A 175 5.94 1.78 22.18
C GLY A 175 4.79 1.32 21.30
N TYR A 176 5.04 0.36 20.43
CA TYR A 176 4.04 -0.24 19.52
C TYR A 176 2.65 -0.44 20.12
N ILE A 177 2.58 -1.32 21.11
CA ILE A 177 1.34 -1.73 21.73
C ILE A 177 0.56 -0.55 22.31
N GLY A 178 1.23 0.26 23.12
CA GLY A 178 0.59 1.43 23.73
C GLY A 178 -0.05 2.35 22.71
N ILE A 179 0.65 2.60 21.61
CA ILE A 179 0.16 3.47 20.56
C ILE A 179 -1.02 2.84 19.81
N GLU A 180 -0.89 1.55 19.50
CA GLU A 180 -1.93 0.86 18.77
C GLU A 180 -3.20 0.80 19.62
N LEU A 181 -3.04 0.40 20.87
CA LEU A 181 -4.19 0.31 21.76
C LEU A 181 -4.85 1.68 21.94
N ALA A 182 -4.05 2.71 22.21
CA ALA A 182 -4.55 4.07 22.38
C ALA A 182 -5.44 4.51 21.22
N GLY A 183 -5.00 4.19 20.00
CA GLY A 183 -5.68 4.58 18.78
C GLY A 183 -6.94 3.79 18.54
N LEU A 184 -6.94 2.52 18.93
CA LEU A 184 -8.13 1.68 18.84
C LEU A 184 -9.20 2.29 19.71
N LEU A 185 -8.86 2.45 20.99
CA LEU A 185 -9.77 2.90 22.01
C LEU A 185 -10.36 4.28 21.69
N ARG A 186 -9.51 5.22 21.29
CA ARG A 186 -9.94 6.59 21.00
C ARG A 186 -10.91 6.68 19.83
N SER A 187 -10.63 5.95 18.75
CA SER A 187 -11.58 5.95 17.65
C SER A 187 -12.89 5.20 17.98
N PHE A 188 -12.87 4.38 19.04
CA PHE A 188 -14.12 3.76 19.53
C PHE A 188 -14.83 4.71 20.49
N GLY A 189 -14.20 5.86 20.74
CA GLY A 189 -14.83 6.92 21.51
C GLY A 189 -14.51 6.96 23.00
N SER A 190 -13.65 6.06 23.46
CA SER A 190 -13.14 6.11 24.83
C SER A 190 -12.30 7.36 25.04
N GLU A 191 -12.24 7.85 26.27
CA GLU A 191 -11.22 8.82 26.64
C GLU A 191 -9.89 8.07 26.84
N VAL A 192 -8.84 8.54 26.18
CA VAL A 192 -7.52 7.91 26.32
C VAL A 192 -6.42 8.93 26.57
N THR A 193 -5.64 8.67 27.61
CA THR A 193 -4.41 9.42 27.82
C THR A 193 -3.27 8.41 27.86
N VAL A 194 -2.18 8.69 27.16
CA VAL A 194 -1.02 7.81 27.27
C VAL A 194 0.13 8.53 27.93
N VAL A 195 0.80 7.84 28.84
CA VAL A 195 1.98 8.39 29.50
C VAL A 195 3.21 7.62 29.04
N ALA A 196 4.34 8.31 28.95
CA ALA A 196 5.57 7.69 28.48
C ALA A 196 6.77 8.29 29.18
N LEU A 197 7.73 7.43 29.50
CA LEU A 197 8.99 7.81 30.13
C LEU A 197 9.82 8.76 29.26
N GLU A 198 9.75 8.56 27.94
CA GLU A 198 10.56 9.32 26.97
C GLU A 198 9.97 10.69 26.63
N ASP A 199 10.77 11.53 25.94
CA ASP A 199 10.35 12.88 25.56
C ASP A 199 9.54 12.93 24.26
N ARG A 200 9.37 11.77 23.63
CA ARG A 200 8.56 11.64 22.41
C ARG A 200 7.94 10.25 22.38
N LEU A 201 6.82 10.12 21.67
CA LEU A 201 6.18 8.83 21.50
C LEU A 201 6.98 8.00 20.51
N LEU A 202 6.94 6.68 20.62
CA LEU A 202 7.61 5.77 19.67
C LEU A 202 9.08 6.12 19.52
N PHE A 203 9.79 6.12 20.65
CA PHE A 203 11.18 6.56 20.77
C PHE A 203 12.11 5.89 19.75
N GLN A 204 11.95 4.58 19.55
CA GLN A 204 12.79 3.80 18.62
C GLN A 204 12.62 4.24 17.18
N PHE A 205 11.52 4.92 16.87
CA PHE A 205 11.22 5.31 15.50
C PHE A 205 11.82 6.66 15.14
N ASP A 206 11.76 7.02 13.86
CA ASP A 206 12.34 8.29 13.40
C ASP A 206 11.53 9.47 13.93
N PRO A 207 12.22 10.50 14.49
CA PRO A 207 11.58 11.69 15.08
C PRO A 207 10.42 12.29 14.26
N LEU A 208 10.52 12.25 12.94
CA LEU A 208 9.47 12.77 12.07
C LEU A 208 8.18 11.94 12.18
N LEU A 209 8.33 10.62 12.30
CA LEU A 209 7.19 9.74 12.58
C LEU A 209 6.61 10.04 13.96
N SER A 210 7.46 10.06 14.98
CA SER A 210 7.07 10.44 16.35
C SER A 210 6.33 11.78 16.44
N ALA A 211 6.82 12.79 15.71
CA ALA A 211 6.26 14.14 15.79
C ALA A 211 4.93 14.18 15.08
N THR A 212 4.83 13.48 13.95
CA THR A 212 3.58 13.44 13.20
C THR A 212 2.53 12.66 13.97
N LEU A 213 2.92 11.51 14.53
CA LEU A 213 2.01 10.70 15.34
C LEU A 213 1.46 11.48 16.54
N ALA A 214 2.32 12.27 17.19
CA ALA A 214 1.87 13.15 18.29
C ALA A 214 0.77 14.10 17.82
N GLU A 215 1.01 14.77 16.69
CA GLU A 215 0.02 15.66 16.04
C GLU A 215 -1.30 14.95 15.74
N ASN A 216 -1.23 13.87 14.96
CA ASN A 216 -2.41 13.06 14.67
C ASN A 216 -3.16 12.68 15.95
N MET A 217 -2.43 12.18 16.95
CA MET A 217 -3.03 11.75 18.21
C MET A 217 -3.65 12.89 19.01
N HIS A 218 -3.00 14.06 19.00
CA HIS A 218 -3.58 15.23 19.66
C HIS A 218 -4.85 15.66 18.93
N ALA A 219 -4.78 15.72 17.60
CA ALA A 219 -5.93 16.11 16.78
C ALA A 219 -7.13 15.19 16.97
N GLN A 220 -6.90 13.96 17.39
CA GLN A 220 -7.99 13.02 17.57
C GLN A 220 -8.45 12.93 19.04
N GLY A 221 -7.89 13.80 19.87
CA GLY A 221 -8.36 13.97 21.25
C GLY A 221 -7.62 13.18 22.32
N ILE A 222 -6.58 12.43 21.91
CA ILE A 222 -5.75 11.67 22.85
C ILE A 222 -4.85 12.63 23.62
N GLU A 223 -4.91 12.54 24.94
CA GLU A 223 -4.04 13.32 25.80
C GLU A 223 -2.76 12.54 26.11
N THR A 224 -1.61 13.21 26.07
CA THR A 224 -0.33 12.53 26.29
C THR A 224 0.52 13.23 27.34
N HIS A 225 1.22 12.44 28.13
CA HIS A 225 2.14 12.96 29.13
C HIS A 225 3.54 12.38 28.90
N LEU A 226 4.45 13.23 28.46
CA LEU A 226 5.81 12.83 28.16
C LEU A 226 6.72 12.99 29.37
N GLU A 227 7.76 12.17 29.44
CA GLU A 227 8.67 12.14 30.60
C GLU A 227 7.87 12.03 31.89
N PHE A 228 7.08 10.96 31.97
CA PHE A 228 6.15 10.75 33.06
C PHE A 228 6.39 9.34 33.58
N ALA A 229 7.03 9.24 34.74
CA ALA A 229 7.35 7.95 35.33
C ALA A 229 6.34 7.62 36.41
N VAL A 230 5.43 6.69 36.11
CA VAL A 230 4.43 6.24 37.09
C VAL A 230 5.12 5.48 38.25
N ALA A 231 4.83 5.90 39.48
CA ALA A 231 5.46 5.30 40.66
C ALA A 231 4.53 4.31 41.35
N ALA A 232 3.23 4.45 41.09
CA ALA A 232 2.19 3.63 41.73
C ALA A 232 0.83 3.79 41.05
N LEU A 233 -0.06 2.83 41.29
CA LEU A 233 -1.47 2.96 40.88
C LEU A 233 -2.37 2.76 42.10
N GLU A 234 -3.18 3.77 42.39
CA GLU A 234 -4.05 3.76 43.57
C GLU A 234 -5.51 3.85 43.14
N ARG A 235 -6.40 3.32 43.98
CA ARG A 235 -7.83 3.46 43.77
C ARG A 235 -8.30 4.88 44.17
N ASP A 236 -9.22 5.45 43.39
CA ASP A 236 -9.85 6.73 43.74
C ASP A 236 -11.37 6.56 43.74
N ALA A 237 -12.10 7.67 43.94
CA ALA A 237 -13.56 7.67 43.87
C ALA A 237 -14.02 7.22 42.48
N GLN A 238 -14.33 5.92 42.38
CA GLN A 238 -14.61 5.24 41.09
C GLN A 238 -13.50 5.41 40.05
N GLY A 239 -12.67 4.37 39.91
CA GLY A 239 -11.53 4.37 39.00
C GLY A 239 -10.19 4.23 39.69
N THR A 240 -9.11 4.19 38.90
CA THR A 240 -7.75 4.12 39.45
C THR A 240 -6.88 5.27 38.91
N THR A 241 -5.97 5.74 39.77
CA THR A 241 -5.17 6.95 39.54
C THR A 241 -3.71 6.61 39.22
N LEU A 242 -3.07 7.43 38.39
CA LEU A 242 -1.63 7.29 38.14
C LEU A 242 -0.88 8.31 38.98
N VAL A 243 0.16 7.85 39.66
CA VAL A 243 0.99 8.72 40.48
C VAL A 243 2.42 8.71 39.95
N ALA A 244 2.84 9.84 39.41
CA ALA A 244 4.21 10.03 38.93
C ALA A 244 5.14 10.12 40.13
N GLN A 245 6.44 9.90 39.91
CA GLN A 245 7.39 9.95 41.03
C GLN A 245 7.68 11.36 41.53
N ASP A 246 7.33 12.38 40.73
CA ASP A 246 7.37 13.75 41.24
C ASP A 246 6.17 14.06 42.15
N GLY A 247 5.10 13.27 41.99
CA GLY A 247 3.88 13.45 42.80
C GLY A 247 2.60 13.70 42.02
N THR A 248 2.71 13.99 40.72
CA THR A 248 1.57 14.27 39.83
C THR A 248 0.52 13.16 39.89
N ARG A 249 -0.76 13.54 39.91
CA ARG A 249 -1.86 12.57 39.93
C ARG A 249 -2.74 12.71 38.68
N LEU A 250 -3.11 11.58 38.08
CA LEU A 250 -3.99 11.58 36.92
C LEU A 250 -5.43 11.17 37.29
N GLY A 252 -8.82 9.63 37.18
CA GLY A 252 -9.80 8.61 37.55
C GLY A 252 -10.18 7.70 36.40
N PHE A 253 -9.41 6.62 36.22
CA PHE A 253 -9.50 5.81 35.01
C PHE A 253 -10.32 4.52 35.12
N ASP A 254 -11.02 4.20 34.04
CA ASP A 254 -11.84 3.00 33.95
C ASP A 254 -10.96 1.76 33.96
N SER A 255 -9.87 1.81 33.18
CA SER A 255 -8.85 0.77 33.17
C SER A 255 -7.49 1.38 32.84
N VAL A 256 -6.44 0.84 33.44
CA VAL A 256 -5.07 1.27 33.22
C VAL A 256 -4.34 0.13 32.55
N ILE A 257 -3.71 0.41 31.42
CA ILE A 257 -3.04 -0.63 30.66
C ILE A 257 -1.52 -0.43 30.62
N TRP A 258 -0.81 -1.37 31.23
CA TRP A 258 0.64 -1.44 31.12
C TRP A 258 1.03 -1.92 29.73
N ALA A 259 1.86 -1.14 29.06
CA ALA A 259 2.40 -1.52 27.76
C ALA A 259 3.85 -1.11 27.79
N VAL A 260 4.57 -1.63 28.78
CA VAL A 260 5.92 -1.20 29.12
C VAL A 260 6.99 -2.23 28.75
N GLY A 261 6.72 -3.01 27.71
CA GLY A 261 7.65 -4.02 27.21
C GLY A 261 7.18 -5.45 27.43
N ARG A 262 7.90 -6.40 26.86
CA ARG A 262 7.58 -7.81 27.08
C ARG A 262 8.79 -8.58 27.57
N ALA A 263 8.56 -9.55 28.45
CA ALA A 263 9.62 -10.35 29.04
C ALA A 263 9.61 -11.77 28.45
N PRO A 264 10.80 -12.30 28.11
CA PRO A 264 10.95 -13.63 27.49
C PRO A 264 10.62 -14.79 28.44
N ASN A 265 9.90 -15.78 27.93
CA ASN A 265 9.51 -16.95 28.73
C ASN A 265 10.64 -17.97 28.89
N THR A 266 11.63 -17.63 29.71
CA THR A 266 12.81 -18.45 29.84
C THR A 266 13.22 -18.65 31.31
N ARG A 267 12.35 -18.25 32.24
CA ARG A 267 12.67 -18.33 33.67
C ARG A 267 12.61 -19.75 34.25
N ASP A 268 11.61 -20.54 33.83
CA ASP A 268 11.41 -21.87 34.40
C ASP A 268 11.55 -22.92 33.31
N LEU A 269 12.67 -22.87 32.60
CA LEU A 269 12.80 -23.60 31.34
C LEU A 269 13.90 -24.67 31.44
N GLY A 270 14.59 -24.67 32.58
CA GLY A 270 15.68 -25.62 32.80
C GLY A 270 16.93 -25.33 32.01
N LEU A 271 17.08 -24.09 31.55
CA LEU A 271 18.26 -23.69 30.78
C LEU A 271 19.56 -23.93 31.57
N GLU A 272 19.50 -23.68 32.88
CA GLU A 272 20.60 -23.99 33.83
C GLU A 272 21.04 -25.44 33.64
N ALA A 273 20.07 -26.36 33.67
CA ALA A 273 20.31 -27.80 33.62
C ALA A 273 20.94 -28.27 32.31
N ALA A 274 20.56 -27.62 31.21
CA ALA A 274 21.09 -27.98 29.91
C ALA A 274 22.41 -27.29 29.60
N GLY A 275 22.78 -26.31 30.43
CA GLY A 275 24.00 -25.53 30.22
C GLY A 275 23.89 -24.46 29.15
N ILE A 276 22.66 -24.02 28.88
CA ILE A 276 22.40 -23.03 27.83
C ILE A 276 22.59 -21.62 28.39
N GLU A 277 23.46 -20.84 27.74
CA GLU A 277 23.70 -19.45 28.13
C GLU A 277 22.42 -18.62 28.06
N VAL A 278 22.18 -17.84 29.12
CA VAL A 278 21.06 -16.90 29.20
C VAL A 278 21.55 -15.59 29.76
N GLN A 279 21.03 -14.49 29.21
CA GLN A 279 21.29 -13.16 29.74
C GLN A 279 20.40 -12.90 30.94
N SER A 280 20.74 -11.87 31.71
CA SER A 280 20.01 -11.54 32.94
C SER A 280 18.60 -11.06 32.63
N ASN A 281 18.40 -10.49 31.45
CA ASN A 281 17.06 -10.09 30.99
C ASN A 281 16.18 -11.24 30.46
N GLY A 282 16.73 -12.46 30.49
CA GLY A 282 16.02 -13.66 30.04
C GLY A 282 16.17 -14.01 28.57
N MET A 283 16.81 -13.14 27.79
CA MET A 283 17.08 -13.44 26.37
C MET A 283 18.14 -14.53 26.23
N VAL A 284 17.96 -15.37 25.22
CA VAL A 284 18.86 -16.47 24.95
C VAL A 284 19.76 -16.10 23.79
N PRO A 285 21.08 -15.90 24.04
CA PRO A 285 21.94 -15.50 22.93
C PRO A 285 22.08 -16.60 21.89
N THR A 286 22.20 -16.20 20.62
CA THR A 286 22.39 -17.13 19.51
C THR A 286 23.40 -16.54 18.53
N ASP A 287 23.95 -17.39 17.66
CA ASP A 287 24.70 -16.89 16.53
C ASP A 287 23.75 -16.58 15.36
N ALA A 288 24.32 -16.25 14.20
CA ALA A 288 23.52 -15.88 13.04
C ALA A 288 22.62 -17.03 12.53
N TYR A 289 22.91 -18.25 12.98
CA TYR A 289 22.19 -19.44 12.53
C TYR A 289 21.29 -20.02 13.63
N GLN A 290 20.98 -19.19 14.63
CA GLN A 290 20.10 -19.53 15.74
C GLN A 290 20.70 -20.54 16.73
N ASN A 291 21.98 -20.85 16.57
CA ASN A 291 22.66 -21.77 17.47
C ASN A 291 22.87 -21.11 18.81
N THR A 292 22.48 -21.78 19.88
CA THR A 292 22.90 -21.45 21.23
C THR A 292 24.35 -21.95 21.40
N ASN A 293 24.82 -21.97 22.64
CA ASN A 293 26.19 -22.41 22.94
C ASN A 293 26.28 -23.93 23.01
N VAL A 294 25.14 -24.60 23.15
CA VAL A 294 25.14 -26.06 23.19
C VAL A 294 24.61 -26.67 21.88
N PRO A 295 25.46 -27.48 21.22
CA PRO A 295 25.15 -28.05 19.91
C PRO A 295 23.90 -28.88 20.03
N GLY A 296 23.01 -28.75 19.05
CA GLY A 296 21.71 -29.42 19.11
C GLY A 296 20.62 -28.58 19.75
N VAL A 297 20.97 -27.39 20.25
CA VAL A 297 20.00 -26.49 20.87
C VAL A 297 20.07 -25.12 20.22
N TYR A 298 18.87 -24.63 19.88
CA TYR A 298 18.71 -23.46 19.04
C TYR A 298 17.65 -22.63 19.71
N ALA A 299 17.62 -21.34 19.38
CA ALA A 299 16.54 -20.48 19.84
C ALA A 299 16.14 -19.54 18.72
N LEU A 300 14.84 -19.29 18.64
CA LEU A 300 14.35 -18.28 17.72
C LEU A 300 13.14 -17.56 18.26
N GLY A 301 12.74 -16.52 17.54
CA GLY A 301 11.60 -15.72 17.93
C GLY A 301 11.98 -14.71 18.98
N ASP A 302 10.99 -14.29 19.77
CA ASP A 302 11.15 -13.20 20.71
C ASP A 302 12.26 -13.37 21.75
N ILE A 303 12.50 -14.59 22.21
CA ILE A 303 13.46 -14.84 23.30
C ILE A 303 14.91 -14.61 22.88
N THR A 304 15.14 -14.47 21.57
CA THR A 304 16.47 -14.21 21.04
C THR A 304 16.84 -12.75 21.13
N GLY A 305 15.87 -11.92 21.49
CA GLY A 305 16.09 -10.49 21.68
C GLY A 305 16.35 -9.69 20.42
N ARG A 306 16.18 -10.31 19.25
CA ARG A 306 16.21 -9.57 17.98
C ARG A 306 14.79 -9.03 17.67
N ASP A 307 14.58 -8.58 16.43
CA ASP A 307 13.31 -7.95 16.04
C ASP A 307 12.11 -8.80 16.48
N GLN A 308 11.29 -8.28 17.39
CA GLN A 308 10.19 -9.04 17.99
C GLN A 308 8.95 -9.04 17.10
N LEU A 309 9.05 -9.75 15.98
CA LEU A 309 7.99 -9.76 14.99
C LEU A 309 7.64 -11.17 14.60
N THR A 310 6.39 -11.38 14.22
CA THR A 310 5.94 -12.70 13.80
C THR A 310 6.72 -13.22 12.60
N PRO A 311 6.79 -12.43 11.49
CA PRO A 311 7.42 -12.95 10.27
C PRO A 311 8.90 -13.21 10.46
N VAL A 312 9.50 -12.59 11.47
CA VAL A 312 10.91 -12.80 11.77
C VAL A 312 11.11 -14.16 12.46
N ALA A 313 10.22 -14.48 13.40
CA ALA A 313 10.23 -15.80 13.98
C ALA A 313 9.98 -16.85 12.91
N ILE A 314 8.99 -16.62 12.03
CA ILE A 314 8.70 -17.57 10.96
C ILE A 314 9.91 -17.79 10.04
N ALA A 315 10.46 -16.72 9.47
CA ALA A 315 11.58 -16.85 8.55
C ALA A 315 12.78 -17.55 9.20
N ALA A 316 13.10 -17.15 10.43
CA ALA A 316 14.20 -17.75 11.19
C ALA A 316 14.00 -19.26 11.33
N GLY A 317 12.78 -19.68 11.67
CA GLY A 317 12.42 -21.09 11.80
C GLY A 317 12.53 -21.89 10.50
N ARG A 318 11.98 -21.34 9.42
CA ARG A 318 11.99 -22.03 8.14
C ARG A 318 13.41 -22.23 7.68
N ARG A 319 14.21 -21.16 7.78
CA ARG A 319 15.60 -21.22 7.35
C ARG A 319 16.43 -22.16 8.21
N LEU A 320 16.14 -22.21 9.51
CA LEU A 320 16.81 -23.15 10.41
C LEU A 320 16.49 -24.59 9.99
N ALA A 321 15.23 -24.85 9.63
CA ALA A 321 14.79 -26.19 9.22
C ALA A 321 15.48 -26.60 7.94
N GLU A 322 15.64 -25.64 7.02
CA GLU A 322 16.36 -25.86 5.76
C GLU A 322 17.83 -26.17 6.02
N ARG A 323 18.43 -25.46 6.97
CA ARG A 323 19.79 -25.73 7.36
C ARG A 323 19.95 -27.13 7.95
N LEU A 324 19.09 -27.46 8.91
CA LEU A 324 19.28 -28.67 9.70
C LEU A 324 18.88 -29.94 8.96
N PHE A 325 17.86 -29.83 8.11
CA PHE A 325 17.24 -31.03 7.54
C PHE A 325 17.24 -31.09 6.02
N ASP A 326 17.95 -30.16 5.39
CA ASP A 326 17.97 -30.10 3.94
C ASP A 326 19.34 -29.69 3.40
N GLY A 327 20.38 -29.91 4.20
CA GLY A 327 21.77 -29.72 3.77
C GLY A 327 22.12 -28.36 3.20
N GLN A 328 21.24 -27.38 3.44
CA GLN A 328 21.48 -25.99 3.08
C GLN A 328 22.25 -25.36 4.25
N SER A 329 23.48 -25.86 4.43
CA SER A 329 24.29 -25.58 5.61
C SER A 329 24.60 -24.10 5.83
N GLU A 330 24.36 -23.26 4.83
CA GLU A 330 24.60 -21.83 4.97
C GLU A 330 23.33 -20.96 5.16
N ARG A 331 22.16 -21.58 5.23
CA ARG A 331 20.91 -20.83 5.34
C ARG A 331 20.69 -20.16 6.69
N LYS A 332 20.33 -18.88 6.62
CA LYS A 332 20.07 -18.05 7.80
C LYS A 332 19.20 -16.85 7.41
N LEU A 333 18.56 -16.23 8.40
CA LEU A 333 17.82 -15.00 8.17
C LEU A 333 18.75 -13.78 8.19
N ASP A 334 18.55 -12.87 7.24
CA ASP A 334 19.20 -11.58 7.26
C ASP A 334 18.33 -10.71 8.16
N TYR A 335 18.94 -10.13 9.19
CA TYR A 335 18.20 -9.31 10.15
C TYR A 335 18.28 -7.82 9.84
N ASP A 336 18.97 -7.48 8.75
CA ASP A 336 19.01 -6.08 8.28
C ASP A 336 17.72 -5.77 7.57
N ASN A 337 17.21 -4.58 7.81
CA ASN A 337 16.12 -4.04 7.01
C ASN A 337 14.85 -4.90 7.05
N ILE A 338 14.46 -5.31 8.26
CA ILE A 338 13.15 -5.90 8.48
C ILE A 338 12.09 -4.78 8.44
N PRO A 339 11.13 -4.85 7.50
CA PRO A 339 10.08 -3.82 7.49
C PRO A 339 9.09 -4.08 8.60
N THR A 340 8.43 -3.02 9.06
CA THR A 340 7.43 -3.14 10.11
C THR A 340 6.30 -2.11 9.94
N VAL A 341 5.12 -2.43 10.46
CA VAL A 341 4.05 -1.45 10.53
C VAL A 341 3.64 -1.28 11.99
N VAL A 342 3.39 -0.04 12.40
CA VAL A 342 2.72 0.24 13.68
C VAL A 342 1.31 0.66 13.33
N PHE A 343 0.33 -0.06 13.88
CA PHE A 343 -1.04 0.14 13.47
C PHE A 343 -1.77 1.21 14.26
N ALA A 344 -1.20 2.42 14.26
CA ALA A 344 -1.92 3.60 14.74
C ALA A 344 -3.05 3.98 13.74
N HIS A 345 -3.75 5.08 14.01
CA HIS A 345 -4.76 5.61 13.10
C HIS A 345 -4.40 7.04 12.74
N PRO A 346 -3.83 7.27 11.53
CA PRO A 346 -3.46 6.25 10.55
C PRO A 346 -2.12 5.59 10.90
N PRO A 347 -1.80 4.46 10.22
CA PRO A 347 -0.66 3.66 10.62
C PRO A 347 0.65 4.26 10.15
N LEU A 348 1.75 3.71 10.65
CA LEU A 348 3.05 4.08 10.16
C LEU A 348 3.82 2.83 9.80
N SER A 349 4.91 3.04 9.09
CA SER A 349 5.67 1.94 8.58
C SER A 349 7.08 2.42 8.34
N LYS A 350 8.02 1.50 8.50
CA LYS A 350 9.40 1.81 8.22
C LYS A 350 10.17 0.55 7.82
N VAL A 351 11.26 0.76 7.10
CA VAL A 351 12.25 -0.26 6.86
C VAL A 351 13.61 0.43 6.90
N GLY A 352 14.55 -0.17 7.61
CA GLY A 352 15.91 0.35 7.67
C GLY A 352 16.10 1.27 8.84
N LEU A 353 17.01 2.22 8.68
CA LEU A 353 17.45 3.07 9.77
C LEU A 353 16.72 4.39 9.81
N SER A 354 16.40 4.83 11.03
CA SER A 354 15.96 6.18 11.27
C SER A 354 17.15 7.12 11.09
N GLU A 355 16.89 8.41 11.02
CA GLU A 355 17.96 9.39 10.85
C GLU A 355 18.98 9.31 12.00
N PRO A 356 18.52 9.34 13.27
CA PRO A 356 19.49 9.17 14.37
C PRO A 356 20.29 7.88 14.32
N GLU A 357 19.64 6.75 14.02
CA GLU A 357 20.36 5.48 13.90
C GLU A 357 21.40 5.55 12.79
N ALA A 358 21.02 6.12 11.66
CA ALA A 358 21.89 6.15 10.50
C ALA A 358 23.13 7.01 10.74
N ARG A 359 22.95 8.17 11.39
CA ARG A 359 24.07 9.01 11.79
C ARG A 359 24.93 8.30 12.80
N GLU A 360 24.29 7.53 13.67
CA GLU A 360 24.99 6.81 14.71
C GLU A 360 25.84 5.70 14.09
N ARG A 361 25.28 4.96 13.13
CA ARG A 361 25.97 3.81 12.53
C ARG A 361 26.88 4.15 11.34
N LEU A 362 26.58 5.24 10.64
CA LEU A 362 27.25 5.55 9.37
C LEU A 362 27.97 6.89 9.36
N GLY A 363 27.71 7.71 10.38
CA GLY A 363 28.38 9.01 10.49
C GLY A 363 27.72 10.15 9.73
N ASP A 364 28.45 11.25 9.64
CA ASP A 364 28.01 12.48 8.97
C ASP A 364 28.07 12.32 7.44
N VAL A 365 27.26 11.40 6.92
CA VAL A 365 27.25 11.07 5.49
C VAL A 365 25.83 11.05 4.89
N LEU A 366 24.87 11.57 5.63
CA LEU A 366 23.46 11.38 5.27
C LEU A 366 22.88 12.50 4.41
N THR A 367 22.18 12.11 3.35
CA THR A 367 21.32 13.02 2.59
C THR A 367 19.89 12.61 2.90
N VAL A 368 19.14 13.53 3.49
CA VAL A 368 17.82 13.20 4.03
C VAL A 368 16.73 13.96 3.30
N TYR A 369 15.75 13.22 2.81
CA TYR A 369 14.61 13.78 2.07
C TYR A 369 13.35 13.62 2.92
N GLU A 370 12.52 14.67 2.91
CA GLU A 370 11.32 14.74 3.73
C GLU A 370 10.18 15.40 2.99
N THR A 371 8.97 14.92 3.25
CA THR A 371 7.78 15.63 2.83
C THR A 371 6.63 15.34 3.77
N SER A 372 5.64 16.21 3.72
CA SER A 372 4.50 16.17 4.59
C SER A 372 3.33 16.73 3.80
N PHE A 373 2.15 16.12 3.92
CA PHE A 373 0.97 16.53 3.15
C PHE A 373 -0.29 15.86 3.65
N THR A 374 -1.44 16.38 3.23
CA THR A 374 -2.72 15.77 3.54
C THR A 374 -3.17 14.97 2.33
N PRO A 375 -3.35 13.65 2.49
CA PRO A 375 -3.67 12.85 1.31
C PRO A 375 -5.09 13.11 0.82
N MET A 376 -5.33 12.80 -0.45
CA MET A 376 -6.61 13.02 -1.10
C MET A 376 -7.75 12.26 -0.41
N ARG A 377 -7.38 11.25 0.38
CA ARG A 377 -8.33 10.56 1.24
C ARG A 377 -9.14 11.55 2.10
N TYR A 378 -8.56 12.70 2.41
CA TYR A 378 -9.25 13.65 3.29
C TYR A 378 -9.61 14.94 2.57
N ALA A 379 -9.72 14.86 1.25
CA ALA A 379 -9.95 16.03 0.41
C ALA A 379 -11.22 16.79 0.75
N LEU A 380 -12.28 16.06 1.09
CA LEU A 380 -13.55 16.69 1.42
C LEU A 380 -13.87 16.58 2.92
N ASN A 381 -12.86 16.30 3.72
CA ASN A 381 -13.00 16.33 5.18
C ASN A 381 -12.33 17.59 5.73
N GLU A 382 -12.72 17.97 6.94
CA GLU A 382 -12.31 19.24 7.49
C GLU A 382 -10.84 19.32 7.89
N HIS A 383 -10.35 18.34 8.67
CA HIS A 383 -8.99 18.37 9.20
C HIS A 383 -8.35 16.99 9.22
N GLY A 384 -8.20 16.36 8.06
CA GLY A 384 -7.60 15.02 8.00
C GLY A 384 -6.22 14.94 8.65
N PRO A 385 -5.83 13.74 9.10
CA PRO A 385 -4.46 13.54 9.61
C PRO A 385 -3.37 13.77 8.56
N LYS A 386 -2.23 14.27 9.02
CA LYS A 386 -1.08 14.56 8.18
C LYS A 386 -0.46 13.25 7.68
N THR A 387 0.12 13.29 6.48
CA THR A 387 1.04 12.21 6.05
C THR A 387 2.42 12.82 6.05
N ALA A 388 3.40 12.03 6.47
CA ALA A 388 4.78 12.48 6.50
C ALA A 388 5.69 11.31 6.13
N MET A 389 6.76 11.64 5.41
CA MET A 389 7.66 10.66 4.83
C MET A 389 9.09 11.11 4.92
N LYS A 390 10.01 10.16 5.09
CA LYS A 390 11.43 10.47 5.10
C LYS A 390 12.23 9.38 4.40
N LEU A 391 13.09 9.80 3.48
CA LEU A 391 14.12 8.94 2.91
C LEU A 391 15.44 9.29 3.55
N VAL A 392 16.07 8.29 4.17
CA VAL A 392 17.42 8.43 4.71
C VAL A 392 18.41 7.78 3.76
N CYS A 393 19.30 8.59 3.21
CA CYS A 393 20.30 8.13 2.26
C CYS A 393 21.72 8.31 2.78
N ALA A 394 22.63 7.43 2.36
CA ALA A 394 24.02 7.44 2.83
C ALA A 394 25.01 7.29 1.68
N GLY A 395 26.12 8.02 1.79
CA GLY A 395 27.20 7.97 0.81
C GLY A 395 26.99 8.96 -0.31
N PRO A 396 27.97 9.08 -1.22
CA PRO A 396 27.78 9.95 -2.40
C PRO A 396 26.73 9.36 -3.35
N GLU A 397 26.67 8.04 -3.43
CA GLU A 397 25.73 7.34 -4.33
C GLU A 397 24.31 7.43 -3.79
N GLN A 398 24.18 7.87 -2.53
CA GLN A 398 22.90 8.00 -1.83
C GLN A 398 22.10 6.69 -1.75
N ARG A 399 22.76 5.63 -1.30
CA ARG A 399 22.07 4.38 -0.98
C ARG A 399 20.95 4.69 0.00
N VAL A 400 19.79 4.07 -0.21
CA VAL A 400 18.69 4.27 0.70
C VAL A 400 18.85 3.32 1.88
N VAL A 401 19.03 3.91 3.05
CA VAL A 401 19.28 3.14 4.27
C VAL A 401 18.06 3.19 5.19
N GLY A 402 17.19 4.18 4.97
CA GLY A 402 15.94 4.27 5.72
C GLY A 402 14.75 4.79 4.92
N VAL A 403 13.61 4.12 5.06
CA VAL A 403 12.35 4.58 4.47
C VAL A 403 11.28 4.59 5.57
N HIS A 404 10.63 5.74 5.75
CA HIS A 404 9.72 5.97 6.87
C HIS A 404 8.47 6.72 6.42
N VAL A 405 7.31 6.20 6.80
CA VAL A 405 6.04 6.79 6.38
C VAL A 405 4.98 6.62 7.46
N ILE A 406 4.23 7.69 7.68
CA ILE A 406 3.06 7.66 8.53
C ILE A 406 1.94 8.30 7.72
N GLY A 407 0.78 7.67 7.71
CA GLY A 407 -0.37 8.24 7.05
C GLY A 407 -1.21 7.19 6.36
N ASP A 408 -2.36 7.63 5.84
CA ASP A 408 -3.26 6.77 5.12
C ASP A 408 -2.53 5.88 4.13
N GLY A 409 -2.77 4.57 4.21
CA GLY A 409 -2.17 3.61 3.30
C GLY A 409 -0.80 3.09 3.68
N ALA A 410 -0.17 3.68 4.71
CA ALA A 410 1.17 3.27 5.14
C ALA A 410 1.31 1.76 5.44
N ASP A 411 0.20 1.11 5.75
CA ASP A 411 0.19 -0.29 6.15
C ASP A 411 0.40 -1.27 5.00
N GLU A 412 0.21 -0.81 3.77
CA GLU A 412 0.42 -1.65 2.59
C GLU A 412 1.53 -1.12 1.69
N MET A 413 2.19 -0.05 2.13
CA MET A 413 3.04 0.75 1.26
C MET A 413 4.47 0.22 1.10
N LEU A 414 5.09 -0.20 2.20
CA LEU A 414 6.56 -0.39 2.25
C LEU A 414 7.13 -1.77 1.95
N GLN A 415 6.27 -2.79 1.82
CA GLN A 415 6.75 -4.15 1.55
C GLN A 415 7.69 -4.20 0.32
N GLY A 416 7.26 -3.59 -0.78
CA GLY A 416 8.06 -3.55 -2.00
C GLY A 416 9.29 -2.69 -1.84
N PHE A 417 9.17 -1.62 -1.04
CA PHE A 417 10.31 -0.78 -0.73
C PHE A 417 11.37 -1.52 0.08
N ALA A 418 10.93 -2.47 0.91
CA ALA A 418 11.85 -3.31 1.68
C ALA A 418 12.68 -4.15 0.72
N VAL A 419 12.05 -4.72 -0.30
CA VAL A 419 12.75 -5.51 -1.31
C VAL A 419 13.85 -4.67 -1.95
N ALA A 420 13.50 -3.45 -2.35
CA ALA A 420 14.43 -2.57 -3.03
C ALA A 420 15.63 -2.20 -2.14
N VAL A 421 15.32 -1.77 -0.91
CA VAL A 421 16.34 -1.49 0.10
C VAL A 421 17.22 -2.71 0.36
N LYS A 422 16.60 -3.88 0.45
CA LYS A 422 17.34 -5.14 0.58
C LYS A 422 18.35 -5.28 -0.56
N MET A 423 17.96 -4.87 -1.77
CA MET A 423 18.86 -4.93 -2.93
C MET A 423 19.86 -3.79 -3.00
N GLY A 424 19.75 -2.84 -2.08
CA GLY A 424 20.68 -1.72 -2.04
C GLY A 424 20.29 -0.58 -2.95
N ALA A 425 18.99 -0.35 -3.09
CA ALA A 425 18.48 0.78 -3.87
C ALA A 425 19.13 2.10 -3.47
N THR A 426 19.43 2.93 -4.46
CA THR A 426 19.90 4.30 -4.25
C THR A 426 18.73 5.24 -4.50
N LYS A 427 18.97 6.54 -4.32
CA LYS A 427 17.95 7.55 -4.62
C LYS A 427 17.64 7.56 -6.11
N ALA A 428 18.69 7.40 -6.92
CA ALA A 428 18.55 7.30 -8.38
C ALA A 428 17.58 6.17 -8.75
N ASP A 429 17.73 5.02 -8.09
CA ASP A 429 16.83 3.90 -8.32
C ASP A 429 15.38 4.25 -8.05
N PHE A 430 15.14 5.02 -6.99
CA PHE A 430 13.81 5.50 -6.66
C PHE A 430 13.28 6.49 -7.72
N ASP A 431 14.12 7.46 -8.11
CA ASP A 431 13.72 8.51 -9.05
C ASP A 431 13.53 8.00 -10.47
N ASN A 432 14.31 6.99 -10.86
CA ASN A 432 14.18 6.37 -12.18
C ASN A 432 12.91 5.54 -12.36
N THR A 433 12.25 5.23 -11.25
CA THR A 433 10.99 4.50 -11.34
C THR A 433 9.81 5.46 -11.35
N VAL A 434 8.94 5.28 -12.33
CA VAL A 434 7.81 6.15 -12.57
C VAL A 434 6.77 6.01 -11.46
N ALA A 435 6.25 7.15 -11.03
CA ALA A 435 5.21 7.25 -10.02
C ALA A 435 3.86 6.61 -10.42
N ILE A 436 3.14 6.10 -9.43
CA ILE A 436 1.73 5.77 -9.59
C ILE A 436 0.93 7.01 -9.18
N HIS A 437 0.03 7.45 -10.05
CA HIS A 437 -0.80 8.61 -9.74
C HIS A 437 -2.29 8.34 -10.01
N PRO A 438 -3.18 8.88 -9.15
CA PRO A 438 -2.86 9.54 -7.90
C PRO A 438 -2.83 8.60 -6.69
N GLY A 439 -1.88 8.82 -5.79
CA GLY A 439 -1.86 8.14 -4.50
C GLY A 439 -0.77 8.74 -3.63
N SER A 440 -0.56 8.16 -2.46
CA SER A 440 0.47 8.67 -1.55
C SER A 440 1.90 8.18 -1.84
N ALA A 441 2.03 6.89 -2.14
CA ALA A 441 3.34 6.25 -2.32
C ALA A 441 4.24 6.97 -3.31
N GLU A 442 3.65 7.54 -4.37
CA GLU A 442 4.39 8.28 -5.39
C GLU A 442 5.30 9.39 -4.82
N GLU A 443 4.95 9.89 -3.63
CA GLU A 443 5.75 10.90 -2.96
C GLU A 443 7.14 10.37 -2.59
N LEU A 444 7.24 9.06 -2.39
CA LEU A 444 8.53 8.45 -2.03
C LEU A 444 9.49 8.40 -3.21
N VAL A 445 8.97 8.45 -4.43
CA VAL A 445 9.82 8.39 -5.62
C VAL A 445 9.91 9.74 -6.35
N THR A 446 9.38 10.79 -5.71
CA THR A 446 9.39 12.12 -6.32
C THR A 446 9.89 13.18 -5.35
N LEU A 447 10.78 12.78 -4.45
CA LEU A 447 11.41 13.70 -3.51
C LEU A 447 12.59 14.43 -4.17
N LYS A 448 12.44 15.74 -4.31
CA LYS A 448 13.36 16.54 -5.12
C LYS A 448 14.56 17.06 -4.32
N GLU A 449 14.34 18.02 -3.42
CA GLU A 449 15.44 18.66 -2.69
C GLU A 449 15.54 18.14 -1.25
N PRO A 450 16.76 17.79 -0.79
CA PRO A 450 16.88 17.24 0.55
C PRO A 450 16.77 18.31 1.65
N VAL A 451 16.34 17.90 2.83
CA VAL A 451 16.24 18.83 3.95
C VAL A 451 17.60 19.01 4.64
N ARG A 452 18.38 17.92 4.68
CA ARG A 452 19.70 17.91 5.30
C ARG A 452 20.70 17.17 4.42
N ARG A 453 21.92 17.69 4.40
CA ARG A 453 23.03 17.13 3.62
C ARG A 453 24.17 16.84 4.60
N PRO A 454 25.19 16.05 4.19
CA PRO A 454 26.31 15.86 5.13
C PRO A 454 26.85 17.21 5.64
N GLY A 455 26.71 17.45 6.94
CA GLY A 455 27.04 18.75 7.56
C GLY A 455 25.82 19.43 8.18
N THR B 2 8.69 36.79 -28.97
CA THR B 2 7.91 36.56 -30.20
C THR B 2 8.66 35.62 -31.13
N GLN B 3 9.91 35.37 -30.77
CA GLN B 3 10.87 34.60 -31.57
C GLN B 3 12.06 34.25 -30.66
N HIS B 4 12.10 34.93 -29.51
CA HIS B 4 13.23 34.88 -28.59
C HIS B 4 13.01 33.87 -27.46
N PHE B 5 11.96 33.06 -27.59
CA PHE B 5 11.66 32.00 -26.62
C PHE B 5 12.57 30.80 -26.82
N ASP B 6 13.02 30.22 -25.70
CA ASP B 6 13.77 28.98 -25.75
C ASP B 6 12.77 27.85 -25.95
N LEU B 7 11.58 27.97 -25.35
CA LEU B 7 10.60 26.91 -25.38
C LEU B 7 9.17 27.40 -25.56
N ILE B 8 8.46 26.74 -26.47
CA ILE B 8 7.02 26.85 -26.55
C ILE B 8 6.46 25.47 -26.22
N ALA B 9 5.66 25.39 -25.17
CA ALA B 9 4.96 24.16 -24.84
C ALA B 9 3.52 24.33 -25.28
N ILE B 10 3.07 23.48 -26.20
CA ILE B 10 1.69 23.49 -26.66
C ILE B 10 0.91 22.54 -25.75
N GLY B 11 -0.02 23.09 -24.98
CA GLY B 11 -0.81 22.30 -24.02
C GLY B 11 -0.34 22.50 -22.59
N GLY B 12 -1.26 22.95 -21.72
CA GLY B 12 -0.97 23.15 -20.30
C GLY B 12 -1.49 22.02 -19.44
N GLY B 13 -1.33 20.78 -19.93
CA GLY B 13 -1.67 19.60 -19.15
C GLY B 13 -0.45 19.04 -18.49
N SER B 14 -0.45 17.74 -18.23
CA SER B 14 0.61 17.10 -17.47
C SER B 14 1.98 17.28 -18.09
N GLY B 15 2.13 16.93 -19.36
CA GLY B 15 3.41 17.03 -20.06
C GLY B 15 3.87 18.46 -20.32
N GLY B 16 2.96 19.30 -20.81
CA GLY B 16 3.25 20.71 -21.08
C GLY B 16 3.70 21.51 -19.86
N LEU B 17 2.93 21.39 -18.78
CA LEU B 17 3.29 21.99 -17.49
C LEU B 17 4.66 21.50 -17.00
N ALA B 18 4.90 20.19 -17.11
CA ALA B 18 6.17 19.59 -16.63
C ALA B 18 7.42 20.12 -17.35
N VAL B 19 7.35 20.21 -18.68
CA VAL B 19 8.49 20.70 -19.45
C VAL B 19 8.66 22.22 -19.29
N ALA B 20 7.55 22.95 -19.32
CA ALA B 20 7.56 24.40 -19.08
C ALA B 20 8.19 24.73 -17.72
N GLU B 21 7.71 24.06 -16.68
CA GLU B 21 8.20 24.23 -15.32
C GLU B 21 9.71 24.01 -15.20
N LYS B 22 10.20 22.85 -15.66
CA LYS B 22 11.63 22.55 -15.53
C LYS B 22 12.47 23.51 -16.35
N ALA B 23 12.05 23.79 -17.57
CA ALA B 23 12.74 24.76 -18.43
C ALA B 23 12.84 26.13 -17.75
N ALA B 24 11.73 26.59 -17.16
CA ALA B 24 11.72 27.88 -16.48
C ALA B 24 12.67 27.88 -15.29
N ALA B 25 12.81 26.73 -14.65
CA ALA B 25 13.70 26.61 -13.49
C ALA B 25 15.19 26.61 -13.88
N PHE B 26 15.49 26.24 -15.12
CA PHE B 26 16.84 26.37 -15.64
C PHE B 26 17.04 27.74 -16.26
N GLY B 27 16.15 28.68 -15.92
CA GLY B 27 16.28 30.08 -16.34
C GLY B 27 16.02 30.32 -17.81
N LYS B 28 15.19 29.48 -18.42
CA LYS B 28 14.86 29.65 -19.84
C LYS B 28 13.61 30.51 -20.03
N ARG B 29 13.51 31.12 -21.21
CA ARG B 29 12.33 31.89 -21.56
C ARG B 29 11.30 30.95 -22.18
N VAL B 30 10.16 30.84 -21.51
CA VAL B 30 9.18 29.81 -21.83
C VAL B 30 7.84 30.43 -22.16
N ALA B 31 7.25 30.00 -23.26
CA ALA B 31 5.84 30.28 -23.57
C ALA B 31 5.01 29.00 -23.42
N LEU B 32 3.83 29.12 -22.82
CA LEU B 32 2.94 27.98 -22.64
C LEU B 32 1.58 28.27 -23.26
N ILE B 33 1.18 27.43 -24.21
CA ILE B 33 -0.10 27.62 -24.88
C ILE B 33 -1.16 26.69 -24.30
N GLU B 34 -2.32 27.23 -23.96
CA GLU B 34 -3.43 26.43 -23.45
C GLU B 34 -4.77 27.01 -23.89
N SER B 35 -5.58 26.16 -24.50
CA SER B 35 -6.91 26.59 -24.99
C SER B 35 -8.00 26.51 -23.94
N LYS B 36 -7.81 25.67 -22.92
CA LYS B 36 -8.85 25.49 -21.91
C LYS B 36 -8.33 25.83 -20.50
N ALA B 37 -8.21 24.85 -19.62
CA ALA B 37 -7.72 25.11 -18.28
C ALA B 37 -6.38 24.41 -18.04
N LEU B 38 -5.49 25.05 -17.30
CA LEU B 38 -4.24 24.42 -16.89
C LEU B 38 -4.52 23.21 -16.01
N GLY B 39 -3.60 22.26 -16.02
CA GLY B 39 -3.77 20.99 -15.32
C GLY B 39 -4.23 19.91 -16.29
N GLY B 40 -4.86 20.33 -17.39
CA GLY B 40 -5.30 19.42 -18.45
C GLY B 40 -6.40 18.43 -18.08
N THR B 41 -6.30 17.23 -18.67
CA THR B 41 -7.26 16.15 -18.45
C THR B 41 -7.25 15.68 -17.01
N CYS B 42 -6.06 15.44 -16.48
CA CYS B 42 -5.90 14.83 -15.18
C CYS B 42 -6.60 15.60 -14.06
N VAL B 43 -6.28 16.88 -13.95
CA VAL B 43 -6.84 17.78 -12.93
C VAL B 43 -8.34 18.04 -13.13
N ASN B 44 -8.78 18.16 -14.38
CA ASN B 44 -10.14 18.65 -14.64
C ASN B 44 -11.19 17.55 -14.84
N VAL B 45 -10.81 16.52 -15.58
CA VAL B 45 -11.74 15.48 -16.02
C VAL B 45 -11.11 14.10 -16.00
N GLY B 46 -10.05 13.94 -15.24
CA GLY B 46 -9.32 12.68 -15.22
C GLY B 46 -9.03 12.15 -13.84
N CYS B 47 -7.75 11.90 -13.59
CA CYS B 47 -7.26 11.29 -12.35
C CYS B 47 -7.92 11.84 -11.08
N VAL B 48 -7.91 13.17 -10.93
CA VAL B 48 -8.29 13.81 -9.67
C VAL B 48 -9.79 13.72 -9.35
N PRO B 49 -10.67 14.20 -10.25
CA PRO B 49 -12.10 14.01 -9.98
C PRO B 49 -12.45 12.54 -9.73
N LYS B 50 -11.88 11.63 -10.52
CA LYS B 50 -12.11 10.20 -10.34
C LYS B 50 -11.69 9.68 -8.97
N LYS B 51 -10.47 10.01 -8.54
CA LYS B 51 -9.97 9.56 -7.24
C LYS B 51 -10.77 10.14 -6.07
N VAL B 52 -11.21 11.39 -6.20
CA VAL B 52 -12.08 11.99 -5.17
C VAL B 52 -13.38 11.19 -5.10
N MET B 53 -13.99 10.93 -6.26
CA MET B 53 -15.23 10.16 -6.28
C MET B 53 -14.96 8.72 -5.80
N TRP B 54 -13.75 8.22 -6.08
CA TRP B 54 -13.35 6.90 -5.64
C TRP B 54 -13.32 6.76 -4.12
N TYR B 55 -12.83 7.79 -3.42
CA TYR B 55 -12.90 7.78 -1.97
C TYR B 55 -14.33 7.74 -1.43
N ALA B 56 -15.23 8.45 -2.10
CA ALA B 56 -16.64 8.45 -1.71
C ALA B 56 -17.21 7.03 -1.79
N SER B 57 -16.86 6.32 -2.86
CA SER B 57 -17.33 4.94 -3.03
C SER B 57 -16.66 3.98 -2.06
N HIS B 58 -15.39 4.25 -1.73
CA HIS B 58 -14.63 3.50 -0.72
C HIS B 58 -15.31 3.67 0.63
N LEU B 59 -15.63 4.91 0.98
CA LEU B 59 -16.35 5.22 2.23
C LEU B 59 -17.78 4.66 2.28
N ALA B 60 -18.49 4.68 1.14
CA ALA B 60 -19.80 4.03 1.09
C ALA B 60 -19.70 2.52 1.32
N GLU B 61 -18.69 1.86 0.74
CA GLU B 61 -18.49 0.43 0.98
C GLU B 61 -18.17 0.19 2.47
N ALA B 62 -17.46 1.16 3.05
CA ALA B 62 -17.05 1.13 4.44
C ALA B 62 -18.26 1.22 5.37
N VAL B 63 -19.21 2.10 5.08
CA VAL B 63 -20.41 2.18 5.91
C VAL B 63 -21.28 0.94 5.80
N ARG B 64 -21.30 0.31 4.62
CA ARG B 64 -21.98 -0.98 4.43
C ARG B 64 -21.36 -2.09 5.27
N ASP B 65 -20.02 -2.09 5.38
CA ASP B 65 -19.31 -3.16 6.06
C ASP B 65 -19.08 -2.92 7.56
N ALA B 66 -19.40 -1.71 8.02
CA ALA B 66 -19.17 -1.33 9.40
C ALA B 66 -19.95 -2.15 10.46
N PRO B 67 -21.26 -2.41 10.23
CA PRO B 67 -22.01 -3.16 11.24
C PRO B 67 -21.43 -4.53 11.53
N GLY B 68 -20.89 -5.17 10.48
CA GLY B 68 -20.23 -6.46 10.62
C GLY B 68 -19.16 -6.47 11.69
N PHE B 69 -18.44 -5.35 11.81
CA PHE B 69 -17.41 -5.17 12.84
C PHE B 69 -17.94 -4.52 14.13
N GLY B 70 -19.25 -4.39 14.24
CA GLY B 70 -19.85 -3.81 15.44
C GLY B 70 -19.96 -2.30 15.42
N VAL B 71 -19.52 -1.67 14.34
CA VAL B 71 -19.62 -0.22 14.17
C VAL B 71 -21.01 0.11 13.61
N GLN B 72 -21.82 0.81 14.42
CA GLN B 72 -23.23 1.04 14.07
C GLN B 72 -23.40 2.23 13.13
N ALA B 73 -23.37 1.95 11.83
CA ALA B 73 -23.67 2.92 10.79
C ALA B 73 -25.01 2.63 10.11
N SER B 74 -25.65 3.70 9.61
CA SER B 74 -26.88 3.62 8.81
C SER B 74 -26.61 3.02 7.41
N THR B 77 -26.05 6.20 1.81
CA THR B 77 -26.75 6.77 0.66
C THR B 77 -26.18 8.13 0.23
N LEU B 78 -25.97 8.28 -1.08
CA LEU B 78 -25.18 9.38 -1.64
C LEU B 78 -25.97 10.65 -1.96
N ASP B 79 -25.44 11.78 -1.48
CA ASP B 79 -25.85 13.11 -1.92
C ASP B 79 -24.82 13.50 -3.00
N TRP B 80 -25.17 13.20 -4.24
CA TRP B 80 -24.28 13.40 -5.38
C TRP B 80 -23.92 14.88 -5.62
N PRO B 81 -24.92 15.78 -5.52
CA PRO B 81 -24.57 17.21 -5.58
C PRO B 81 -23.49 17.65 -4.58
N ARG B 82 -23.55 17.18 -3.33
CA ARG B 82 -22.52 17.51 -2.34
C ARG B 82 -21.15 16.95 -2.74
N LEU B 83 -21.14 15.71 -3.19
CA LEU B 83 -19.91 15.12 -3.71
C LEU B 83 -19.34 15.99 -4.84
N VAL B 84 -20.15 16.32 -5.84
CA VAL B 84 -19.60 17.10 -6.96
C VAL B 84 -19.09 18.47 -6.52
N ALA B 85 -19.88 19.16 -5.69
CA ALA B 85 -19.49 20.47 -5.16
C ALA B 85 -18.14 20.39 -4.46
N GLY B 86 -18.00 19.44 -3.53
CA GLY B 86 -16.74 19.22 -2.84
C GLY B 86 -15.61 18.87 -3.79
N ARG B 87 -15.86 17.94 -4.70
CA ARG B 87 -14.90 17.54 -5.74
C ARG B 87 -14.42 18.75 -6.56
N ASP B 88 -15.36 19.59 -7.01
CA ASP B 88 -15.05 20.76 -7.85
C ASP B 88 -14.28 21.86 -7.12
N ARG B 89 -14.58 22.05 -5.84
CA ARG B 89 -13.84 23.01 -5.01
C ARG B 89 -12.38 22.55 -4.93
N TYR B 90 -12.20 21.25 -4.68
CA TYR B 90 -10.87 20.66 -4.60
C TYR B 90 -10.11 20.77 -5.92
N ILE B 91 -10.72 20.31 -7.02
CA ILE B 91 -10.17 20.48 -8.36
C ILE B 91 -9.86 21.95 -8.68
N GLY B 92 -10.80 22.84 -8.36
CA GLY B 92 -10.65 24.27 -8.62
C GLY B 92 -9.39 24.81 -7.96
N ALA B 93 -9.11 24.32 -6.76
CA ALA B 93 -7.95 24.76 -5.98
C ALA B 93 -6.63 24.38 -6.63
N ILE B 94 -6.58 23.20 -7.26
CA ILE B 94 -5.40 22.78 -8.01
C ILE B 94 -5.25 23.61 -9.28
N ASN B 95 -6.34 23.87 -10.00
CA ASN B 95 -6.29 24.78 -11.12
C ASN B 95 -5.71 26.13 -10.69
N SER B 96 -6.19 26.62 -9.54
CA SER B 96 -5.78 27.92 -9.05
C SER B 96 -4.30 27.92 -8.74
N PHE B 97 -3.84 26.85 -8.13
CA PHE B 97 -2.42 26.69 -7.85
C PHE B 97 -1.60 26.86 -9.13
N TRP B 98 -1.96 26.09 -10.16
CA TRP B 98 -1.21 26.07 -11.42
C TRP B 98 -1.23 27.42 -12.13
N ASP B 99 -2.40 28.04 -12.18
CA ASP B 99 -2.52 29.38 -12.72
C ASP B 99 -1.48 30.30 -12.08
N GLY B 100 -1.42 30.29 -10.74
CA GLY B 100 -0.49 31.15 -10.00
C GLY B 100 0.96 30.72 -10.14
N TYR B 101 1.19 29.42 -10.05
CA TYR B 101 2.54 28.86 -10.21
C TYR B 101 3.20 29.25 -11.53
N VAL B 102 2.43 29.18 -12.62
CA VAL B 102 2.93 29.49 -13.95
C VAL B 102 3.37 30.96 -14.06
N GLU B 103 2.56 31.86 -13.48
CA GLU B 103 2.87 33.28 -13.41
C GLU B 103 4.09 33.52 -12.51
N ARG B 104 4.17 32.75 -11.43
CA ARG B 104 5.27 32.83 -10.48
C ARG B 104 6.60 32.42 -11.11
N LEU B 105 6.55 31.46 -12.03
CA LEU B 105 7.74 30.95 -12.72
C LEU B 105 8.21 31.87 -13.83
N GLY B 106 7.37 32.82 -14.24
CA GLY B 106 7.74 33.74 -15.31
C GLY B 106 7.40 33.24 -16.70
N ILE B 107 6.62 32.16 -16.77
CA ILE B 107 6.19 31.61 -18.04
C ILE B 107 5.16 32.53 -18.68
N THR B 108 5.34 32.79 -19.97
CA THR B 108 4.39 33.54 -20.76
C THR B 108 3.25 32.64 -21.18
N ARG B 109 2.08 32.87 -20.57
CA ARG B 109 0.89 32.09 -20.90
C ARG B 109 0.20 32.69 -22.10
N VAL B 110 -0.23 31.83 -23.02
CA VAL B 110 -0.99 32.29 -24.18
C VAL B 110 -2.28 31.48 -24.27
N ASP B 111 -3.39 32.19 -24.21
CA ASP B 111 -4.70 31.55 -24.30
C ASP B 111 -5.06 31.32 -25.76
N GLY B 112 -5.59 30.14 -26.06
CA GLY B 112 -6.07 29.82 -27.40
C GLY B 112 -5.53 28.52 -27.94
N HIS B 113 -5.95 28.19 -29.16
CA HIS B 113 -5.56 26.98 -29.84
C HIS B 113 -4.36 27.24 -30.75
N ALA B 114 -3.24 26.58 -30.44
CA ALA B 114 -2.00 26.72 -31.21
C ALA B 114 -1.99 25.81 -32.43
N ARG B 115 -1.51 26.35 -33.55
CA ARG B 115 -1.24 25.57 -34.76
C ARG B 115 0.15 25.94 -35.24
N PHE B 116 0.87 24.97 -35.77
CA PHE B 116 2.14 25.22 -36.45
C PHE B 116 1.88 25.97 -37.75
N VAL B 117 2.75 26.93 -38.03
CA VAL B 117 2.68 27.68 -39.28
C VAL B 117 3.88 27.30 -40.14
N ASP B 118 4.98 26.95 -39.48
CA ASP B 118 6.13 26.29 -40.09
C ASP B 118 6.87 25.44 -39.03
N ALA B 119 8.03 24.91 -39.43
CA ALA B 119 8.84 24.04 -38.57
C ALA B 119 9.18 24.61 -37.18
N HIS B 120 9.19 25.94 -37.05
CA HIS B 120 9.57 26.56 -35.78
C HIS B 120 8.68 27.73 -35.36
N THR B 121 7.50 27.86 -35.94
CA THR B 121 6.56 28.88 -35.46
C THR B 121 5.12 28.39 -35.37
N ILE B 122 4.43 28.91 -34.38
CA ILE B 122 3.03 28.59 -34.18
C ILE B 122 2.19 29.86 -34.29
N GLU B 123 0.90 29.69 -34.53
CA GLU B 123 -0.02 30.80 -34.57
C GLU B 123 -1.12 30.51 -33.57
N VAL B 124 -1.46 31.51 -32.76
CA VAL B 124 -2.53 31.41 -31.78
C VAL B 124 -3.38 32.64 -31.93
N GLU B 125 -4.59 32.44 -32.46
CA GLU B 125 -5.54 33.52 -32.74
C GLU B 125 -4.86 34.70 -33.42
N GLY B 126 -4.16 34.43 -34.51
CA GLY B 126 -3.49 35.46 -35.28
C GLY B 126 -2.11 35.89 -34.82
N GLN B 127 -1.75 35.55 -33.58
CA GLN B 127 -0.42 35.88 -33.05
C GLN B 127 0.58 34.77 -33.37
N ARG B 128 1.71 35.16 -33.98
CA ARG B 128 2.77 34.20 -34.29
C ARG B 128 3.92 34.23 -33.29
N LEU B 129 4.45 33.05 -32.98
CA LEU B 129 5.52 32.89 -31.99
C LEU B 129 6.49 31.80 -32.43
N SER B 130 7.79 32.10 -32.40
CA SER B 130 8.80 31.10 -32.70
C SER B 130 9.59 30.79 -31.44
N ALA B 131 10.23 29.62 -31.43
CA ALA B 131 11.15 29.23 -30.39
C ALA B 131 12.19 28.25 -30.93
N ASP B 132 13.33 28.14 -30.26
CA ASP B 132 14.33 27.11 -30.59
C ASP B 132 13.77 25.71 -30.40
N HIS B 133 12.87 25.56 -29.44
CA HIS B 133 12.29 24.26 -29.10
C HIS B 133 10.79 24.37 -28.90
N ILE B 134 10.04 23.61 -29.68
CA ILE B 134 8.59 23.55 -29.52
C ILE B 134 8.18 22.15 -29.10
N VAL B 135 7.53 22.06 -27.94
CA VAL B 135 7.08 20.78 -27.39
C VAL B 135 5.58 20.65 -27.55
N ILE B 136 5.17 19.64 -28.32
CA ILE B 136 3.76 19.33 -28.49
C ILE B 136 3.29 18.39 -27.39
N ALA B 137 2.33 18.85 -26.59
CA ALA B 137 1.75 18.04 -25.54
C ALA B 137 0.25 18.32 -25.45
N THR B 138 -0.46 18.03 -26.52
CA THR B 138 -1.86 18.45 -26.65
C THR B 138 -2.87 17.43 -26.11
N GLY B 139 -2.37 16.27 -25.68
CA GLY B 139 -3.19 15.22 -25.08
C GLY B 139 -4.30 14.67 -25.96
N GLY B 140 -5.31 14.10 -25.32
CA GLY B 140 -6.40 13.47 -26.03
C GLY B 140 -7.78 13.95 -25.63
N ARG B 141 -8.79 13.24 -26.13
CA ARG B 141 -10.19 13.49 -25.86
C ARG B 141 -10.91 12.15 -26.07
N PRO B 142 -12.07 11.94 -25.41
CA PRO B 142 -12.74 10.65 -25.52
C PRO B 142 -13.26 10.39 -26.94
N ILE B 143 -13.14 9.14 -27.40
CA ILE B 143 -13.70 8.74 -28.69
C ILE B 143 -15.21 8.51 -28.57
N VAL B 144 -15.97 9.16 -29.46
CA VAL B 144 -17.37 8.84 -29.71
C VAL B 144 -17.46 8.20 -31.09
N PRO B 145 -17.86 6.91 -31.15
CA PRO B 145 -17.90 6.18 -32.41
C PRO B 145 -18.90 6.79 -33.39
N ARG B 146 -18.61 6.65 -34.68
CA ARG B 146 -19.47 7.13 -35.76
C ARG B 146 -20.60 6.13 -36.03
N LEU B 147 -21.46 5.95 -35.03
CA LEU B 147 -22.58 5.01 -35.09
C LEU B 147 -23.90 5.76 -34.93
N PRO B 148 -25.01 5.16 -35.42
CA PRO B 148 -26.33 5.77 -35.30
C PRO B 148 -26.73 6.03 -33.85
N GLY B 149 -27.14 7.27 -33.56
CA GLY B 149 -27.57 7.64 -32.20
C GLY B 149 -26.47 7.62 -31.14
N ALA B 150 -25.21 7.71 -31.58
CA ALA B 150 -24.07 7.72 -30.66
C ALA B 150 -24.09 8.93 -29.73
N GLU B 151 -24.71 10.02 -30.20
CA GLU B 151 -24.82 11.26 -29.43
C GLU B 151 -25.78 11.17 -28.26
N LEU B 152 -26.58 10.09 -28.21
CA LEU B 152 -27.45 9.82 -27.06
C LEU B 152 -26.62 9.46 -25.84
N GLY B 153 -25.38 9.03 -26.09
CA GLY B 153 -24.47 8.68 -25.03
C GLY B 153 -23.48 9.80 -24.74
N ILE B 154 -22.99 9.81 -23.51
CA ILE B 154 -22.00 10.77 -23.06
C ILE B 154 -20.64 10.09 -22.96
N THR B 155 -19.63 10.87 -22.60
CA THR B 155 -18.29 10.34 -22.41
C THR B 155 -17.88 10.54 -20.95
N SER B 156 -16.64 10.20 -20.62
CA SER B 156 -16.09 10.45 -19.29
C SER B 156 -16.11 11.94 -18.94
N ASP B 157 -15.86 12.79 -19.93
CA ASP B 157 -16.03 14.25 -19.76
C ASP B 157 -17.46 14.57 -19.30
N GLY B 158 -18.44 13.95 -19.96
CA GLY B 158 -19.85 14.13 -19.63
C GLY B 158 -20.13 13.59 -18.23
N PHE B 159 -19.50 12.48 -17.89
CA PHE B 159 -19.64 11.89 -16.56
C PHE B 159 -19.27 12.87 -15.46
N PHE B 160 -18.11 13.52 -15.62
CA PHE B 160 -17.69 14.51 -14.62
C PHE B 160 -18.51 15.81 -14.65
N ALA B 161 -19.32 16.00 -15.69
CA ALA B 161 -20.23 17.14 -15.75
C ALA B 161 -21.59 16.85 -15.08
N LEU B 162 -21.96 15.57 -14.96
CA LEU B 162 -23.25 15.19 -14.39
C LEU B 162 -23.52 15.85 -13.04
N GLN B 163 -24.63 16.57 -12.97
CA GLN B 163 -25.00 17.28 -11.76
C GLN B 163 -25.84 16.41 -10.84
N GLN B 164 -26.39 15.32 -11.38
CA GLN B 164 -27.22 14.39 -10.63
C GLN B 164 -26.81 12.96 -10.92
N GLN B 165 -27.02 12.07 -9.95
CA GLN B 165 -26.69 10.66 -10.09
C GLN B 165 -27.72 9.91 -10.96
N PRO B 166 -27.26 9.37 -12.11
CA PRO B 166 -28.12 8.54 -12.96
C PRO B 166 -28.43 7.19 -12.30
N LYS B 167 -29.66 6.69 -12.51
CA LYS B 167 -30.17 5.52 -11.79
C LYS B 167 -29.85 4.19 -12.48
N ARG B 168 -29.83 4.20 -13.81
CA ARG B 168 -29.60 3.00 -14.60
C ARG B 168 -28.57 3.29 -15.68
N VAL B 169 -27.34 2.80 -15.47
CA VAL B 169 -26.24 3.13 -16.36
C VAL B 169 -25.78 1.96 -17.24
N ALA B 170 -25.53 2.28 -18.51
CA ALA B 170 -24.81 1.39 -19.41
C ALA B 170 -23.43 1.99 -19.71
N ILE B 171 -22.39 1.18 -19.53
CA ILE B 171 -21.03 1.59 -19.83
C ILE B 171 -20.52 0.75 -21.00
N ILE B 172 -20.11 1.43 -22.05
CA ILE B 172 -19.64 0.76 -23.25
C ILE B 172 -18.14 0.83 -23.30
N GLY B 173 -17.50 -0.30 -23.00
CA GLY B 173 -16.05 -0.36 -22.91
C GLY B 173 -15.61 -0.79 -21.53
N ALA B 174 -14.65 -1.71 -21.49
CA ALA B 174 -14.16 -2.28 -20.26
C ALA B 174 -12.64 -2.15 -20.14
N GLY B 175 -12.12 -1.02 -20.63
CA GLY B 175 -10.78 -0.57 -20.27
C GLY B 175 -10.80 0.13 -18.91
N TYR B 176 -9.71 0.83 -18.58
CA TYR B 176 -9.57 1.56 -17.30
C TYR B 176 -10.86 2.30 -16.91
N ILE B 177 -11.24 3.26 -17.73
CA ILE B 177 -12.27 4.21 -17.34
C ILE B 177 -13.65 3.56 -17.25
N GLY B 178 -13.96 2.65 -18.17
CA GLY B 178 -15.21 1.90 -18.10
C GLY B 178 -15.37 1.18 -16.78
N ILE B 179 -14.30 0.55 -16.31
CA ILE B 179 -14.30 -0.23 -15.07
C ILE B 179 -14.36 0.69 -13.84
N GLU B 180 -13.57 1.76 -13.86
CA GLU B 180 -13.59 2.70 -12.77
C GLU B 180 -14.95 3.39 -12.65
N LEU B 181 -15.48 3.86 -13.77
CA LEU B 181 -16.82 4.45 -13.74
C LEU B 181 -17.87 3.45 -13.23
N ALA B 182 -17.81 2.21 -13.71
CA ALA B 182 -18.77 1.17 -13.28
C ALA B 182 -18.75 0.97 -11.76
N GLY B 183 -17.53 0.86 -11.21
CA GLY B 183 -17.34 0.63 -9.80
C GLY B 183 -17.84 1.79 -8.97
N LEU B 184 -17.60 3.02 -9.43
CA LEU B 184 -18.04 4.21 -8.73
C LEU B 184 -19.54 4.21 -8.61
N LEU B 185 -20.21 4.08 -9.75
CA LEU B 185 -21.65 4.19 -9.85
C LEU B 185 -22.41 3.09 -9.12
N ARG B 186 -21.90 1.85 -9.18
CA ARG B 186 -22.56 0.73 -8.48
C ARG B 186 -22.41 0.91 -6.98
N SER B 187 -21.24 1.35 -6.57
CA SER B 187 -20.98 1.64 -5.18
C SER B 187 -21.96 2.69 -4.66
N PHE B 188 -22.37 3.63 -5.54
CA PHE B 188 -23.32 4.67 -5.17
C PHE B 188 -24.77 4.22 -5.32
N GLY B 189 -24.96 2.96 -5.69
CA GLY B 189 -26.30 2.36 -5.76
C GLY B 189 -27.06 2.49 -7.07
N SER B 190 -26.38 2.81 -8.16
CA SER B 190 -27.01 2.81 -9.49
C SER B 190 -27.06 1.39 -10.05
N GLU B 191 -27.98 1.13 -10.96
CA GLU B 191 -27.92 -0.07 -11.78
C GLU B 191 -26.81 0.14 -12.80
N VAL B 192 -25.88 -0.79 -12.86
CA VAL B 192 -24.75 -0.67 -13.78
C VAL B 192 -24.58 -1.92 -14.63
N THR B 193 -24.70 -1.72 -15.93
CA THR B 193 -24.34 -2.72 -16.91
C THR B 193 -23.11 -2.20 -17.66
N VAL B 194 -22.11 -3.05 -17.82
CA VAL B 194 -21.02 -2.73 -18.76
C VAL B 194 -20.92 -3.77 -19.87
N VAL B 195 -20.72 -3.29 -21.09
CA VAL B 195 -20.58 -4.17 -22.24
C VAL B 195 -19.20 -3.97 -22.84
N ALA B 196 -18.68 -5.01 -23.49
CA ALA B 196 -17.34 -4.96 -24.07
C ALA B 196 -17.18 -5.86 -25.29
N LEU B 197 -16.35 -5.41 -26.22
CA LEU B 197 -16.02 -6.14 -27.43
C LEU B 197 -15.34 -7.48 -27.12
N GLU B 198 -14.47 -7.48 -26.11
CA GLU B 198 -13.62 -8.62 -25.76
C GLU B 198 -14.31 -9.73 -24.99
N ASP B 199 -13.61 -10.85 -24.81
CA ASP B 199 -14.15 -12.02 -24.10
C ASP B 199 -13.92 -11.91 -22.59
N ARG B 200 -13.20 -10.88 -22.17
CA ARG B 200 -13.00 -10.58 -20.76
C ARG B 200 -12.82 -9.09 -20.53
N LEU B 201 -13.15 -8.64 -19.32
CA LEU B 201 -12.92 -7.26 -18.91
C LEU B 201 -11.42 -6.99 -18.81
N LEU B 202 -11.02 -5.72 -18.88
CA LEU B 202 -9.61 -5.33 -18.75
C LEU B 202 -8.67 -6.23 -19.55
N PHE B 203 -8.87 -6.23 -20.86
CA PHE B 203 -8.17 -7.12 -21.78
C PHE B 203 -6.65 -6.98 -21.73
N GLN B 204 -6.16 -5.74 -21.62
CA GLN B 204 -4.71 -5.48 -21.59
C GLN B 204 -4.04 -6.03 -20.32
N PHE B 205 -4.84 -6.37 -19.33
CA PHE B 205 -4.31 -6.84 -18.06
C PHE B 205 -4.26 -8.36 -17.99
N ASP B 206 -3.59 -8.87 -16.97
CA ASP B 206 -3.38 -10.31 -16.80
C ASP B 206 -4.71 -11.00 -16.54
N PRO B 207 -4.93 -12.17 -17.18
CA PRO B 207 -6.15 -12.97 -17.02
C PRO B 207 -6.59 -13.23 -15.57
N LEU B 208 -5.65 -13.27 -14.63
CA LEU B 208 -6.02 -13.45 -13.23
C LEU B 208 -6.75 -12.21 -12.71
N LEU B 209 -6.24 -11.02 -13.03
CA LEU B 209 -6.87 -9.77 -12.63
C LEU B 209 -8.24 -9.62 -13.32
N SER B 210 -8.29 -9.86 -14.62
CA SER B 210 -9.54 -9.82 -15.38
C SER B 210 -10.60 -10.71 -14.75
N ALA B 211 -10.20 -11.93 -14.42
CA ALA B 211 -11.11 -12.94 -13.89
C ALA B 211 -11.59 -12.55 -12.51
N THR B 212 -10.67 -12.17 -11.64
CA THR B 212 -11.02 -11.74 -10.29
C THR B 212 -11.93 -10.52 -10.30
N LEU B 213 -11.58 -9.50 -11.11
CA LEU B 213 -12.40 -8.30 -11.28
C LEU B 213 -13.83 -8.64 -11.66
N ALA B 214 -13.99 -9.56 -12.62
CA ALA B 214 -15.31 -10.03 -13.04
C ALA B 214 -16.12 -10.58 -11.87
N GLU B 215 -15.47 -11.42 -11.06
CA GLU B 215 -16.10 -12.02 -9.87
C GLU B 215 -16.52 -10.94 -8.89
N ASN B 216 -15.59 -10.09 -8.51
CA ASN B 216 -15.91 -8.94 -7.66
C ASN B 216 -17.07 -8.10 -8.19
N MET B 217 -17.04 -7.79 -9.50
CA MET B 217 -18.10 -6.99 -10.13
C MET B 217 -19.44 -7.72 -10.16
N HIS B 218 -19.43 -9.01 -10.52
CA HIS B 218 -20.66 -9.80 -10.45
C HIS B 218 -21.22 -9.78 -9.02
N ALA B 219 -20.37 -10.05 -8.04
CA ALA B 219 -20.78 -10.03 -6.63
C ALA B 219 -21.37 -8.68 -6.18
N GLN B 220 -20.97 -7.59 -6.84
CA GLN B 220 -21.43 -6.27 -6.46
C GLN B 220 -22.73 -5.86 -7.18
N GLY B 221 -23.19 -6.75 -8.06
CA GLY B 221 -24.43 -6.55 -8.78
C GLY B 221 -24.30 -5.86 -10.13
N ILE B 222 -23.07 -5.74 -10.64
CA ILE B 222 -22.84 -5.13 -11.96
C ILE B 222 -23.08 -6.17 -13.05
N GLU B 223 -23.98 -5.85 -13.97
CA GLU B 223 -24.28 -6.75 -15.08
C GLU B 223 -23.29 -6.55 -16.23
N THR B 224 -22.68 -7.64 -16.69
CA THR B 224 -21.74 -7.54 -17.82
C THR B 224 -22.20 -8.36 -19.04
N HIS B 225 -21.85 -7.84 -20.22
CA HIS B 225 -22.07 -8.55 -21.48
C HIS B 225 -20.79 -8.50 -22.28
N LEU B 226 -20.13 -9.66 -22.38
CA LEU B 226 -18.87 -9.77 -23.10
C LEU B 226 -19.09 -10.16 -24.55
N GLU B 227 -18.14 -9.82 -25.41
CA GLU B 227 -18.28 -9.98 -26.87
C GLU B 227 -19.58 -9.33 -27.38
N PHE B 228 -19.79 -8.09 -26.95
CA PHE B 228 -21.01 -7.35 -27.25
C PHE B 228 -20.62 -6.09 -28.03
N ALA B 229 -20.85 -6.14 -29.34
CA ALA B 229 -20.55 -5.00 -30.20
C ALA B 229 -21.77 -4.11 -30.32
N VAL B 230 -21.64 -2.85 -29.92
CA VAL B 230 -22.75 -1.89 -30.04
C VAL B 230 -22.85 -1.40 -31.48
N ALA B 231 -24.02 -1.61 -32.09
CA ALA B 231 -24.28 -1.18 -33.46
C ALA B 231 -24.92 0.20 -33.50
N ALA B 232 -25.73 0.52 -32.49
CA ALA B 232 -26.43 1.81 -32.40
C ALA B 232 -26.99 2.06 -31.00
N LEU B 233 -27.30 3.32 -30.72
CA LEU B 233 -28.06 3.70 -29.54
C LEU B 233 -29.40 4.29 -29.99
N GLU B 234 -30.48 3.90 -29.32
CA GLU B 234 -31.82 4.33 -29.72
C GLU B 234 -32.65 4.77 -28.52
N ARG B 235 -33.67 5.58 -28.79
CA ARG B 235 -34.55 6.09 -27.75
C ARG B 235 -35.72 5.14 -27.51
N ASP B 236 -35.89 4.72 -26.26
CA ASP B 236 -37.04 3.90 -25.86
C ASP B 236 -38.00 4.75 -25.02
N ALA B 237 -39.10 4.13 -24.59
CA ALA B 237 -40.03 4.76 -23.64
C ALA B 237 -39.27 5.17 -22.37
N GLN B 238 -39.09 6.49 -22.21
CA GLN B 238 -38.35 7.08 -21.07
C GLN B 238 -36.98 6.41 -20.80
N GLY B 239 -36.00 6.72 -21.64
CA GLY B 239 -34.65 6.13 -21.52
C GLY B 239 -33.99 5.89 -22.87
N THR B 240 -32.81 5.26 -22.84
CA THR B 240 -32.07 4.93 -24.07
C THR B 240 -31.57 3.46 -24.09
N THR B 241 -31.52 2.89 -25.30
CA THR B 241 -31.32 1.44 -25.54
C THR B 241 -30.03 1.14 -26.32
N LEU B 242 -29.34 0.08 -25.93
CA LEU B 242 -28.17 -0.39 -26.67
C LEU B 242 -28.56 -1.48 -27.65
N VAL B 243 -28.11 -1.36 -28.89
CA VAL B 243 -28.44 -2.32 -29.95
C VAL B 243 -27.16 -2.94 -30.48
N ALA B 244 -27.05 -4.26 -30.31
CA ALA B 244 -25.85 -4.99 -30.70
C ALA B 244 -25.78 -5.30 -32.19
N GLN B 245 -24.67 -5.92 -32.58
CA GLN B 245 -24.46 -6.42 -33.94
C GLN B 245 -25.59 -7.37 -34.33
N ASP B 246 -25.86 -8.37 -33.48
CA ASP B 246 -26.87 -9.39 -33.77
C ASP B 246 -28.33 -8.94 -33.62
N GLY B 247 -28.53 -7.76 -33.03
CA GLY B 247 -29.88 -7.22 -32.86
C GLY B 247 -30.39 -7.21 -31.43
N THR B 248 -29.59 -7.76 -30.51
CA THR B 248 -29.90 -7.79 -29.08
C THR B 248 -30.10 -6.38 -28.54
N ARG B 249 -31.16 -6.20 -27.74
CA ARG B 249 -31.50 -4.90 -27.15
C ARG B 249 -31.25 -4.91 -25.66
N LEU B 250 -30.90 -3.75 -25.10
CA LEU B 250 -30.69 -3.59 -23.67
C LEU B 250 -31.53 -2.46 -23.06
N GLY B 252 -33.31 -0.01 -21.03
CA GLY B 252 -33.91 1.23 -20.52
C GLY B 252 -32.99 2.02 -19.60
N PHE B 253 -31.93 2.58 -20.16
CA PHE B 253 -30.93 3.35 -19.39
C PHE B 253 -31.22 4.85 -19.43
N ASP B 254 -30.96 5.53 -18.32
CA ASP B 254 -31.08 6.99 -18.29
C ASP B 254 -29.73 7.64 -18.58
N SER B 255 -28.70 6.81 -18.68
CA SER B 255 -27.37 7.24 -19.08
C SER B 255 -26.60 6.09 -19.73
N VAL B 256 -26.06 6.36 -20.92
CA VAL B 256 -25.13 5.45 -21.57
C VAL B 256 -23.78 6.16 -21.77
N ILE B 257 -22.71 5.55 -21.27
CA ILE B 257 -21.38 6.17 -21.30
C ILE B 257 -20.43 5.46 -22.26
N TRP B 258 -19.93 6.20 -23.26
CA TRP B 258 -18.91 5.70 -24.15
C TRP B 258 -17.55 5.74 -23.46
N ALA B 259 -16.93 4.57 -23.34
CA ALA B 259 -15.61 4.48 -22.73
C ALA B 259 -14.76 3.54 -23.60
N VAL B 260 -14.66 3.94 -24.87
CA VAL B 260 -14.07 3.11 -25.92
C VAL B 260 -12.71 3.63 -26.43
N GLY B 261 -11.98 4.33 -25.57
CA GLY B 261 -10.66 4.85 -25.90
C GLY B 261 -10.65 6.36 -26.04
N ARG B 262 -9.44 6.93 -26.10
CA ARG B 262 -9.31 8.36 -26.42
C ARG B 262 -8.41 8.62 -27.62
N ALA B 263 -8.76 9.66 -28.37
CA ALA B 263 -8.03 10.07 -29.57
C ALA B 263 -7.15 11.27 -29.28
N PRO B 264 -5.94 11.31 -29.86
CA PRO B 264 -5.00 12.43 -29.68
C PRO B 264 -5.43 13.74 -30.34
N ASN B 265 -5.24 14.85 -29.63
CA ASN B 265 -5.58 16.17 -30.17
C ASN B 265 -4.55 16.72 -31.14
N THR B 266 -4.49 16.12 -32.31
CA THR B 266 -3.49 16.47 -33.31
C THR B 266 -4.13 16.71 -34.69
N ARG B 267 -5.45 16.82 -34.73
CA ARG B 267 -6.18 16.93 -36.00
C ARG B 267 -5.97 18.22 -36.79
N ASP B 268 -6.18 19.39 -36.17
CA ASP B 268 -5.71 20.62 -36.82
C ASP B 268 -4.72 21.39 -35.97
N LEU B 269 -3.52 20.81 -35.90
CA LEU B 269 -2.38 21.37 -35.21
C LEU B 269 -1.42 21.98 -36.22
N GLY B 270 -1.75 21.81 -37.51
CA GLY B 270 -0.88 22.27 -38.60
C GLY B 270 0.40 21.47 -38.75
N LEU B 271 0.36 20.20 -38.34
CA LEU B 271 1.54 19.35 -38.38
C LEU B 271 2.14 19.21 -39.79
N GLU B 272 1.29 19.22 -40.82
CA GLU B 272 1.76 19.16 -42.21
C GLU B 272 2.41 20.47 -42.62
N ALA B 273 1.94 21.58 -42.09
CA ALA B 273 2.57 22.89 -42.34
C ALA B 273 4.02 22.87 -41.84
N ALA B 274 4.23 22.26 -40.69
CA ALA B 274 5.56 22.13 -40.10
C ALA B 274 6.36 20.93 -40.62
N GLY B 275 5.71 20.07 -41.40
CA GLY B 275 6.34 18.83 -41.90
C GLY B 275 6.57 17.78 -40.82
N ILE B 276 5.74 17.78 -39.78
CA ILE B 276 5.87 16.84 -38.67
C ILE B 276 5.17 15.54 -39.02
N GLU B 277 5.91 14.44 -38.86
CA GLU B 277 5.40 13.10 -39.09
C GLU B 277 4.32 12.76 -38.07
N VAL B 278 3.20 12.25 -38.58
CA VAL B 278 2.04 11.85 -37.78
C VAL B 278 1.36 10.63 -38.38
N GLN B 279 0.86 9.74 -37.50
CA GLN B 279 0.19 8.51 -37.92
C GLN B 279 -1.27 8.74 -38.24
N SER B 280 -1.86 7.79 -38.95
CA SER B 280 -3.26 7.89 -39.38
C SER B 280 -4.19 7.97 -38.18
N ASN B 281 -3.78 7.34 -37.07
CA ASN B 281 -4.56 7.40 -35.83
C ASN B 281 -4.34 8.68 -35.00
N GLY B 282 -3.56 9.61 -35.52
CA GLY B 282 -3.29 10.88 -34.83
C GLY B 282 -2.10 10.90 -33.88
N MET B 283 -1.50 9.75 -33.60
CA MET B 283 -0.31 9.70 -32.74
C MET B 283 0.90 10.29 -33.47
N VAL B 284 1.71 11.04 -32.74
CA VAL B 284 2.92 11.64 -33.29
C VAL B 284 4.11 10.78 -32.90
N PRO B 285 4.76 10.14 -33.90
CA PRO B 285 5.93 9.30 -33.59
C PRO B 285 7.09 10.11 -32.99
N THR B 286 7.82 9.49 -32.05
CA THR B 286 9.01 10.10 -31.49
C THR B 286 10.07 9.03 -31.26
N ASP B 287 11.32 9.46 -31.10
CA ASP B 287 12.36 8.58 -30.63
C ASP B 287 12.34 8.48 -29.10
N ALA B 288 13.33 7.81 -28.52
CA ALA B 288 13.36 7.60 -27.08
C ALA B 288 13.49 8.92 -26.31
N TYR B 289 13.86 9.99 -27.02
CA TYR B 289 14.13 11.27 -26.38
C TYR B 289 13.06 12.32 -26.74
N GLN B 290 11.91 11.83 -27.18
CA GLN B 290 10.75 12.65 -27.56
C GLN B 290 10.97 13.51 -28.83
N ASN B 291 12.05 13.26 -29.56
CA ASN B 291 12.27 13.98 -30.80
C ASN B 291 11.29 13.47 -31.84
N THR B 292 10.60 14.41 -32.48
CA THR B 292 9.90 14.13 -33.72
C THR B 292 10.94 14.11 -34.82
N ASN B 293 10.47 14.04 -36.07
CA ASN B 293 11.34 14.07 -37.25
C ASN B 293 11.83 15.48 -37.57
N VAL B 294 11.23 16.47 -36.93
CA VAL B 294 11.64 17.84 -37.16
C VAL B 294 12.51 18.34 -35.99
N PRO B 295 13.76 18.74 -36.29
CA PRO B 295 14.67 19.18 -35.24
C PRO B 295 14.11 20.41 -34.57
N GLY B 296 14.12 20.44 -33.25
CA GLY B 296 13.51 21.53 -32.52
C GLY B 296 12.05 21.27 -32.20
N VAL B 297 11.52 20.13 -32.65
CA VAL B 297 10.14 19.76 -32.34
C VAL B 297 10.06 18.41 -31.63
N TYR B 298 9.25 18.39 -30.58
CA TYR B 298 9.18 17.28 -29.66
C TYR B 298 7.72 17.01 -29.36
N ALA B 299 7.43 15.77 -28.98
CA ALA B 299 6.09 15.43 -28.52
C ALA B 299 6.17 14.62 -27.25
N LEU B 300 5.28 14.91 -26.31
CA LEU B 300 5.19 14.06 -25.15
C LEU B 300 3.76 13.86 -24.69
N GLY B 301 3.58 12.92 -23.76
CA GLY B 301 2.28 12.60 -23.21
C GLY B 301 1.49 11.67 -24.11
N ASP B 302 0.16 11.74 -23.97
CA ASP B 302 -0.77 10.86 -24.65
C ASP B 302 -0.63 10.76 -26.18
N ILE B 303 -0.28 11.86 -26.83
CA ILE B 303 -0.20 11.90 -28.30
C ILE B 303 0.97 11.08 -28.87
N THR B 304 1.87 10.63 -28.00
CA THR B 304 3.03 9.87 -28.41
C THR B 304 2.72 8.39 -28.54
N GLY B 305 1.56 7.99 -28.06
CA GLY B 305 1.11 6.60 -28.21
C GLY B 305 1.69 5.63 -27.21
N ARG B 306 2.58 6.11 -26.33
CA ARG B 306 3.13 5.29 -25.26
C ARG B 306 2.19 5.34 -24.05
N ASP B 307 2.62 4.80 -22.91
CA ASP B 307 1.76 4.64 -21.72
C ASP B 307 0.99 5.91 -21.39
N GLN B 308 -0.32 5.88 -21.60
CA GLN B 308 -1.20 7.03 -21.42
C GLN B 308 -1.47 7.37 -19.95
N LEU B 309 -0.45 7.89 -19.27
CA LEU B 309 -0.56 8.16 -17.86
C LEU B 309 0.09 9.48 -17.54
N THR B 310 -0.44 10.13 -16.50
CA THR B 310 0.03 11.44 -16.08
C THR B 310 1.51 11.45 -15.69
N PRO B 311 1.96 10.51 -14.83
CA PRO B 311 3.34 10.63 -14.38
C PRO B 311 4.33 10.31 -15.49
N VAL B 312 3.85 9.65 -16.54
CA VAL B 312 4.65 9.36 -17.74
C VAL B 312 4.86 10.66 -18.56
N ALA B 313 3.79 11.43 -18.71
CA ALA B 313 3.87 12.71 -19.36
C ALA B 313 4.84 13.61 -18.60
N ILE B 314 4.63 13.72 -17.28
CA ILE B 314 5.46 14.57 -16.40
C ILE B 314 6.93 14.18 -16.49
N ALA B 315 7.24 12.93 -16.21
CA ALA B 315 8.62 12.44 -16.27
C ALA B 315 9.24 12.69 -17.64
N ALA B 316 8.50 12.39 -18.71
CA ALA B 316 8.98 12.61 -20.06
C ALA B 316 9.30 14.09 -20.25
N GLY B 317 8.42 14.97 -19.75
CA GLY B 317 8.64 16.42 -19.79
C GLY B 317 9.87 16.91 -19.03
N ARG B 318 10.05 16.43 -17.79
CA ARG B 318 11.14 16.91 -16.93
C ARG B 318 12.48 16.53 -17.52
N ARG B 319 12.58 15.28 -17.99
CA ARG B 319 13.79 14.76 -18.58
C ARG B 319 14.14 15.45 -19.91
N LEU B 320 13.11 15.78 -20.68
CA LEU B 320 13.30 16.50 -21.92
C LEU B 320 13.93 17.87 -21.62
N ALA B 321 13.38 18.56 -20.62
CA ALA B 321 13.87 19.87 -20.22
C ALA B 321 15.31 19.78 -19.69
N GLU B 322 15.61 18.71 -18.98
CA GLU B 322 16.97 18.42 -18.53
C GLU B 322 17.90 18.21 -19.71
N ARG B 323 17.45 17.44 -20.70
CA ARG B 323 18.21 17.22 -21.92
C ARG B 323 18.50 18.53 -22.65
N LEU B 324 17.44 19.30 -22.91
CA LEU B 324 17.55 20.48 -23.75
C LEU B 324 18.27 21.65 -23.07
N PHE B 325 18.04 21.81 -21.77
CA PHE B 325 18.39 23.06 -21.09
C PHE B 325 19.39 22.94 -19.94
N ASP B 326 19.82 21.72 -19.66
CA ASP B 326 20.72 21.43 -18.55
C ASP B 326 21.92 20.59 -19.02
N GLY B 327 22.09 20.50 -20.35
CA GLY B 327 23.21 19.77 -20.96
C GLY B 327 23.30 18.29 -20.63
N GLN B 328 22.21 17.73 -20.12
CA GLN B 328 22.11 16.29 -19.86
C GLN B 328 21.67 15.56 -21.14
N SER B 329 22.59 15.53 -22.11
CA SER B 329 22.31 15.07 -23.47
C SER B 329 21.76 13.66 -23.62
N GLU B 330 21.99 12.79 -22.64
CA GLU B 330 21.54 11.39 -22.70
C GLU B 330 20.25 11.12 -21.91
N ARG B 331 19.68 12.17 -21.32
CA ARG B 331 18.54 12.04 -20.43
C ARG B 331 17.25 11.68 -21.18
N LYS B 332 16.58 10.62 -20.72
CA LYS B 332 15.37 10.11 -21.34
C LYS B 332 14.57 9.31 -20.33
N LEU B 333 13.27 9.14 -20.58
CA LEU B 333 12.44 8.30 -19.73
C LEU B 333 12.60 6.84 -20.13
N ASP B 334 12.67 5.95 -19.15
CA ASP B 334 12.59 4.53 -19.42
C ASP B 334 11.10 4.17 -19.39
N TYR B 335 10.63 3.57 -20.49
CA TYR B 335 9.22 3.20 -20.62
C TYR B 335 8.93 1.74 -20.24
N ASP B 336 9.93 1.04 -19.72
CA ASP B 336 9.73 -0.30 -19.17
C ASP B 336 9.27 -0.23 -17.72
N ASN B 337 8.37 -1.12 -17.38
CA ASN B 337 7.98 -1.33 -16.00
C ASN B 337 7.43 -0.07 -15.37
N ILE B 338 6.51 0.56 -16.10
CA ILE B 338 5.73 1.65 -15.57
C ILE B 338 4.55 1.09 -14.76
N PRO B 339 4.52 1.37 -13.45
CA PRO B 339 3.45 0.86 -12.61
C PRO B 339 2.15 1.61 -12.92
N THR B 340 1.03 0.96 -12.66
CA THR B 340 -0.27 1.60 -12.83
C THR B 340 -1.30 1.04 -11.83
N VAL B 341 -2.29 1.87 -11.48
CA VAL B 341 -3.42 1.41 -10.70
C VAL B 341 -4.70 1.62 -11.49
N VAL B 342 -5.58 0.63 -11.47
CA VAL B 342 -6.93 0.81 -11.98
C VAL B 342 -7.83 0.92 -10.75
N PHE B 343 -8.50 2.04 -10.62
CA PHE B 343 -9.25 2.31 -9.41
C PHE B 343 -10.65 1.70 -9.42
N ALA B 344 -10.72 0.39 -9.61
CA ALA B 344 -11.93 -0.38 -9.33
C ALA B 344 -12.20 -0.42 -7.81
N HIS B 345 -13.19 -1.21 -7.40
CA HIS B 345 -13.50 -1.37 -5.99
C HIS B 345 -13.70 -2.86 -5.70
N PRO B 346 -12.69 -3.51 -5.10
CA PRO B 346 -11.37 -3.01 -4.72
C PRO B 346 -10.46 -2.78 -5.93
N PRO B 347 -9.41 -1.96 -5.77
CA PRO B 347 -8.66 -1.54 -6.94
C PRO B 347 -7.68 -2.61 -7.40
N LEU B 348 -7.06 -2.39 -8.55
CA LEU B 348 -5.98 -3.28 -8.98
C LEU B 348 -4.74 -2.51 -9.40
N SER B 349 -3.63 -3.23 -9.48
CA SER B 349 -2.39 -2.59 -9.78
C SER B 349 -1.44 -3.59 -10.43
N LYS B 350 -0.57 -3.08 -11.31
CA LYS B 350 0.44 -3.92 -11.94
C LYS B 350 1.69 -3.12 -12.32
N VAL B 351 2.81 -3.82 -12.37
CA VAL B 351 4.03 -3.31 -13.00
C VAL B 351 4.63 -4.43 -13.83
N GLY B 352 5.03 -4.11 -15.05
CA GLY B 352 5.69 -5.10 -15.88
C GLY B 352 4.70 -5.89 -16.70
N LEU B 353 5.11 -7.10 -17.06
CA LEU B 353 4.39 -7.89 -18.05
C LEU B 353 3.38 -8.82 -17.43
N SER B 354 2.20 -8.90 -18.06
CA SER B 354 1.26 -9.98 -17.77
C SER B 354 1.85 -11.30 -18.28
N GLU B 355 1.26 -12.42 -17.88
CA GLU B 355 1.72 -13.73 -18.32
C GLU B 355 1.67 -13.84 -19.86
N PRO B 356 0.51 -13.54 -20.48
CA PRO B 356 0.48 -13.63 -21.94
C PRO B 356 1.50 -12.73 -22.63
N GLU B 357 1.69 -11.51 -22.11
CA GLU B 357 2.71 -10.60 -22.67
C GLU B 357 4.11 -11.20 -22.56
N ALA B 358 4.50 -11.61 -21.35
CA ALA B 358 5.81 -12.18 -21.09
C ALA B 358 6.06 -13.46 -21.90
N ARG B 359 4.98 -14.17 -22.21
CA ARG B 359 5.02 -15.37 -23.03
C ARG B 359 5.21 -14.97 -24.48
N GLU B 360 4.65 -13.83 -24.85
CA GLU B 360 4.84 -13.24 -26.17
C GLU B 360 6.29 -12.75 -26.32
N ARG B 361 6.75 -11.93 -25.37
CA ARG B 361 8.05 -11.26 -25.48
C ARG B 361 9.25 -12.14 -25.12
N LEU B 362 9.05 -13.05 -24.19
CA LEU B 362 10.07 -14.02 -23.83
C LEU B 362 9.57 -15.40 -24.24
N GLY B 363 10.41 -16.41 -24.13
CA GLY B 363 9.95 -17.71 -24.60
C GLY B 363 9.09 -18.48 -23.61
N ASP B 364 9.11 -19.80 -23.78
CA ASP B 364 8.63 -20.73 -22.79
C ASP B 364 9.65 -20.76 -21.64
N VAL B 365 9.81 -19.61 -20.98
CA VAL B 365 10.83 -19.45 -19.93
C VAL B 365 10.21 -18.99 -18.61
N LEU B 366 8.88 -19.10 -18.51
CA LEU B 366 8.13 -18.48 -17.43
C LEU B 366 7.87 -19.37 -16.21
N THR B 367 8.20 -18.84 -15.03
CA THR B 367 7.79 -19.45 -13.76
C THR B 367 6.79 -18.52 -13.08
N VAL B 368 5.58 -19.03 -12.90
CA VAL B 368 4.45 -18.19 -12.50
C VAL B 368 3.89 -18.62 -11.16
N TYR B 369 3.84 -17.67 -10.23
CA TYR B 369 3.33 -17.88 -8.89
C TYR B 369 2.07 -17.05 -8.77
N GLU B 370 1.05 -17.59 -8.11
CA GLU B 370 -0.19 -16.85 -7.89
C GLU B 370 -0.89 -17.33 -6.61
N THR B 371 -1.79 -16.49 -6.09
CA THR B 371 -2.56 -16.81 -4.90
C THR B 371 -3.86 -16.01 -4.86
N SER B 372 -4.86 -16.55 -4.18
CA SER B 372 -6.14 -15.89 -3.95
C SER B 372 -6.50 -16.03 -2.47
N PHE B 373 -7.11 -15.00 -1.90
CA PHE B 373 -7.55 -15.03 -0.49
C PHE B 373 -8.47 -13.84 -0.18
N THR B 374 -9.26 -13.98 0.87
CA THR B 374 -10.09 -12.87 1.34
C THR B 374 -9.29 -12.16 2.41
N PRO B 375 -8.99 -10.86 2.20
CA PRO B 375 -8.14 -10.16 3.18
C PRO B 375 -8.84 -9.94 4.51
N MET B 376 -8.05 -9.74 5.56
CA MET B 376 -8.56 -9.53 6.90
C MET B 376 -9.51 -8.33 7.02
N ARG B 377 -9.43 -7.38 6.08
CA ARG B 377 -10.40 -6.30 5.99
C ARG B 377 -11.85 -6.80 5.97
N TYR B 378 -12.08 -8.03 5.52
CA TYR B 378 -13.45 -8.54 5.45
C TYR B 378 -13.75 -9.68 6.41
N ALA B 379 -12.85 -9.85 7.38
CA ALA B 379 -12.96 -10.90 8.40
C ALA B 379 -14.36 -11.00 9.02
N LEU B 380 -14.95 -9.84 9.37
CA LEU B 380 -16.24 -9.84 10.03
C LEU B 380 -17.38 -9.48 9.06
N ASN B 381 -17.12 -9.58 7.77
CA ASN B 381 -18.14 -9.36 6.74
C ASN B 381 -18.55 -10.67 6.07
N GLU B 382 -19.73 -10.68 5.49
CA GLU B 382 -20.31 -11.89 4.93
C GLU B 382 -19.55 -12.43 3.71
N HIS B 383 -19.35 -11.59 2.70
CA HIS B 383 -18.83 -12.07 1.41
C HIS B 383 -17.80 -11.13 0.78
N GLY B 384 -16.73 -10.81 1.50
CA GLY B 384 -15.77 -9.85 0.98
C GLY B 384 -15.19 -10.20 -0.38
N PRO B 385 -14.87 -9.19 -1.20
CA PRO B 385 -14.17 -9.42 -2.48
C PRO B 385 -12.82 -10.10 -2.27
N LYS B 386 -12.49 -11.02 -3.17
CA LYS B 386 -11.24 -11.79 -3.05
C LYS B 386 -10.06 -11.02 -3.60
N THR B 387 -8.91 -11.15 -2.94
CA THR B 387 -7.68 -10.57 -3.44
C THR B 387 -7.02 -11.65 -4.30
N ALA B 388 -6.33 -11.23 -5.35
CA ALA B 388 -5.57 -12.14 -6.18
C ALA B 388 -4.27 -11.48 -6.65
N MET B 389 -3.22 -12.28 -6.65
CA MET B 389 -1.86 -11.83 -6.95
C MET B 389 -1.17 -12.81 -7.86
N LYS B 390 -0.38 -12.28 -8.78
CA LYS B 390 0.42 -13.14 -9.65
C LYS B 390 1.82 -12.55 -9.83
N LEU B 391 2.83 -13.40 -9.57
CA LEU B 391 4.21 -13.08 -9.88
C LEU B 391 4.64 -13.80 -11.14
N VAL B 392 4.94 -13.03 -12.18
CA VAL B 392 5.45 -13.58 -13.42
C VAL B 392 6.98 -13.49 -13.40
N CYS B 393 7.64 -14.65 -13.51
CA CYS B 393 9.09 -14.72 -13.49
C CYS B 393 9.66 -15.34 -14.76
N ALA B 394 10.88 -14.95 -15.11
CA ALA B 394 11.52 -15.36 -16.37
C ALA B 394 12.96 -15.79 -16.15
N GLY B 395 13.40 -16.80 -16.90
CA GLY B 395 14.76 -17.32 -16.80
C GLY B 395 14.95 -18.27 -15.64
N PRO B 396 16.11 -18.95 -15.61
CA PRO B 396 16.50 -19.82 -14.49
C PRO B 396 16.59 -19.06 -13.17
N GLU B 397 17.09 -17.82 -13.24
CA GLU B 397 17.27 -16.98 -12.05
C GLU B 397 15.94 -16.44 -11.54
N GLN B 398 14.90 -16.59 -12.37
CA GLN B 398 13.55 -16.14 -12.04
C GLN B 398 13.43 -14.63 -11.81
N ARG B 399 14.02 -13.86 -12.73
CA ARG B 399 13.81 -12.42 -12.77
C ARG B 399 12.30 -12.18 -12.75
N VAL B 400 11.85 -11.25 -11.91
CA VAL B 400 10.43 -10.92 -11.86
C VAL B 400 10.11 -9.91 -12.94
N VAL B 401 9.37 -10.37 -13.95
CA VAL B 401 9.02 -9.55 -15.11
C VAL B 401 7.61 -8.98 -14.98
N GLY B 402 6.84 -9.50 -14.03
CA GLY B 402 5.48 -8.99 -13.79
C GLY B 402 4.98 -9.18 -12.36
N VAL B 403 4.39 -8.11 -11.81
CA VAL B 403 3.72 -8.16 -10.53
C VAL B 403 2.31 -7.63 -10.73
N HIS B 404 1.31 -8.40 -10.30
CA HIS B 404 -0.10 -8.13 -10.56
C HIS B 404 -0.91 -8.39 -9.30
N VAL B 405 -1.68 -7.39 -8.89
CA VAL B 405 -2.50 -7.53 -7.68
C VAL B 405 -3.87 -6.90 -7.87
N ILE B 406 -4.88 -7.56 -7.33
CA ILE B 406 -6.22 -7.01 -7.23
C ILE B 406 -6.75 -7.31 -5.84
N GLY B 407 -7.25 -6.29 -5.17
CA GLY B 407 -7.83 -6.45 -3.86
C GLY B 407 -7.51 -5.27 -2.97
N ASP B 408 -8.14 -5.26 -1.80
CA ASP B 408 -7.93 -4.24 -0.79
C ASP B 408 -6.46 -3.84 -0.65
N GLY B 409 -6.19 -2.53 -0.70
CA GLY B 409 -4.83 -2.00 -0.56
C GLY B 409 -3.99 -1.96 -1.82
N ALA B 410 -4.42 -2.61 -2.90
CA ALA B 410 -3.66 -2.64 -4.15
C ALA B 410 -3.23 -1.27 -4.68
N ASP B 411 -4.02 -0.24 -4.38
CA ASP B 411 -3.76 1.12 -4.84
C ASP B 411 -2.48 1.71 -4.27
N GLU B 412 -2.06 1.25 -3.09
CA GLU B 412 -0.82 1.76 -2.47
C GLU B 412 0.31 0.74 -2.41
N MET B 413 0.12 -0.41 -3.07
CA MET B 413 0.97 -1.60 -2.84
C MET B 413 2.25 -1.67 -3.69
N LEU B 414 2.13 -1.30 -4.96
CA LEU B 414 3.14 -1.65 -5.97
C LEU B 414 4.24 -0.64 -6.29
N GLN B 415 4.14 0.58 -5.77
CA GLN B 415 5.16 1.59 -6.04
C GLN B 415 6.58 1.11 -5.71
N GLY B 416 6.77 0.55 -4.51
CA GLY B 416 8.06 0.03 -4.10
C GLY B 416 8.47 -1.19 -4.89
N PHE B 417 7.50 -2.03 -5.24
CA PHE B 417 7.75 -3.20 -6.08
C PHE B 417 8.21 -2.79 -7.47
N ALA B 418 7.67 -1.66 -7.96
CA ALA B 418 8.12 -1.09 -9.22
C ALA B 418 9.62 -0.78 -9.14
N VAL B 419 10.07 -0.28 -8.00
CA VAL B 419 11.49 0.03 -7.82
C VAL B 419 12.30 -1.26 -7.97
N ALA B 420 11.91 -2.29 -7.23
CA ALA B 420 12.61 -3.57 -7.25
C ALA B 420 12.66 -4.18 -8.65
N VAL B 421 11.52 -4.20 -9.33
CA VAL B 421 11.43 -4.74 -10.69
C VAL B 421 12.33 -3.95 -11.63
N LYS B 422 12.36 -2.64 -11.49
CA LYS B 422 13.26 -1.82 -12.29
C LYS B 422 14.73 -2.13 -12.00
N MET B 423 15.03 -2.55 -10.77
CA MET B 423 16.39 -2.89 -10.40
C MET B 423 16.75 -4.30 -10.82
N GLY B 424 15.79 -5.01 -11.40
CA GLY B 424 16.02 -6.37 -11.89
C GLY B 424 15.84 -7.46 -10.84
N ALA B 425 15.09 -7.16 -9.79
CA ALA B 425 14.75 -8.13 -8.74
C ALA B 425 14.40 -9.52 -9.26
N THR B 426 14.82 -10.54 -8.52
CA THR B 426 14.44 -11.93 -8.81
C THR B 426 13.47 -12.41 -7.75
N LYS B 427 13.02 -13.65 -7.89
CA LYS B 427 12.18 -14.30 -6.88
C LYS B 427 12.91 -14.31 -5.54
N ALA B 428 14.19 -14.67 -5.59
CA ALA B 428 15.04 -14.77 -4.40
C ALA B 428 15.06 -13.45 -3.62
N ASP B 429 15.13 -12.34 -4.37
CA ASP B 429 15.16 -11.00 -3.78
C ASP B 429 13.90 -10.74 -3.00
N PHE B 430 12.76 -11.10 -3.60
CA PHE B 430 11.47 -11.04 -2.94
C PHE B 430 11.43 -11.92 -1.70
N ASP B 431 11.85 -13.18 -1.85
CA ASP B 431 11.76 -14.19 -0.77
C ASP B 431 12.70 -13.93 0.40
N ASN B 432 13.83 -13.29 0.13
CA ASN B 432 14.77 -12.96 1.20
C ASN B 432 14.35 -11.72 1.98
N THR B 433 13.37 -11.00 1.45
CA THR B 433 12.77 -9.87 2.13
C THR B 433 11.73 -10.35 3.12
N VAL B 434 11.88 -9.94 4.37
CA VAL B 434 10.96 -10.34 5.42
C VAL B 434 9.60 -9.67 5.21
N ALA B 435 8.56 -10.46 5.44
CA ALA B 435 7.18 -10.03 5.35
C ALA B 435 6.83 -8.96 6.40
N ILE B 436 5.85 -8.12 6.07
CA ILE B 436 5.15 -7.28 7.03
C ILE B 436 3.85 -8.02 7.37
N HIS B 437 3.61 -8.22 8.66
CA HIS B 437 2.43 -8.95 9.10
C HIS B 437 1.71 -8.20 10.21
N PRO B 438 0.36 -8.23 10.20
CA PRO B 438 -0.47 -8.79 9.15
C PRO B 438 -0.87 -7.74 8.12
N GLY B 439 -0.90 -8.16 6.86
CA GLY B 439 -1.41 -7.33 5.77
C GLY B 439 -1.49 -8.19 4.52
N SER B 440 -1.76 -7.57 3.38
CA SER B 440 -1.87 -8.31 2.12
C SER B 440 -0.54 -8.41 1.36
N ALA B 441 0.22 -7.33 1.32
CA ALA B 441 1.45 -7.24 0.54
C ALA B 441 2.44 -8.35 0.84
N GLU B 442 2.44 -8.84 2.09
CA GLU B 442 3.31 -9.96 2.47
C GLU B 442 3.16 -11.21 1.61
N GLU B 443 1.96 -11.39 1.02
CA GLU B 443 1.73 -12.50 0.10
C GLU B 443 2.63 -12.49 -1.13
N LEU B 444 3.10 -11.31 -1.55
CA LEU B 444 3.98 -11.25 -2.72
C LEU B 444 5.39 -11.74 -2.41
N VAL B 445 5.75 -11.75 -1.14
CA VAL B 445 7.07 -12.22 -0.73
C VAL B 445 7.06 -13.61 -0.06
N THR B 446 5.90 -14.28 -0.06
CA THR B 446 5.78 -15.61 0.56
C THR B 446 5.05 -16.64 -0.31
N LEU B 447 5.13 -16.40 -1.62
CA LEU B 447 4.70 -17.36 -2.63
C LEU B 447 5.68 -18.53 -2.68
N LYS B 448 5.18 -19.74 -2.45
CA LYS B 448 6.05 -20.89 -2.34
C LYS B 448 6.08 -21.73 -3.63
N GLU B 449 4.99 -22.43 -3.94
CA GLU B 449 4.97 -23.33 -5.08
C GLU B 449 4.40 -22.62 -6.31
N PRO B 450 5.08 -22.71 -7.47
CA PRO B 450 4.58 -22.04 -8.68
C PRO B 450 3.44 -22.80 -9.35
N VAL B 451 2.53 -22.09 -9.99
CA VAL B 451 1.40 -22.73 -10.66
C VAL B 451 1.79 -23.26 -12.04
N ARG B 452 2.74 -22.58 -12.68
CA ARG B 452 3.25 -22.94 -14.00
C ARG B 452 4.76 -22.73 -14.07
N ARG B 453 5.44 -23.70 -14.69
CA ARG B 453 6.88 -23.71 -14.87
C ARG B 453 7.18 -23.76 -16.38
N PRO B 454 8.44 -23.51 -16.80
CA PRO B 454 8.68 -23.63 -18.25
C PRO B 454 8.28 -25.03 -18.79
N GLY B 455 7.38 -25.04 -19.76
CA GLY B 455 6.78 -26.28 -20.25
C GLY B 455 5.27 -26.23 -20.30
N ASP B 456 4.64 -25.42 -19.44
CA ASP B 456 3.18 -25.31 -19.40
C ASP B 456 2.59 -24.49 -20.55
PA FAD C . 5.03 -16.87 20.52
O1A FAD C . 4.25 -16.64 19.23
O2A FAD C . 4.53 -16.08 21.69
O5B FAD C . 5.04 -18.45 20.86
C5B FAD C . 5.54 -18.91 22.09
C4B FAD C . 4.69 -20.08 22.57
O4B FAD C . 5.41 -20.91 23.48
C3B FAD C . 3.44 -19.64 23.32
O3B FAD C . 2.37 -20.24 22.64
C2B FAD C . 3.60 -20.20 24.72
O2B FAD C . 2.36 -20.67 25.21
C1B FAD C . 4.56 -21.37 24.50
N9A FAD C . 5.44 -21.72 25.63
C8A FAD C . 6.10 -20.86 26.47
N7A FAD C . 6.82 -21.60 27.35
C5A FAD C . 6.64 -22.91 27.07
C6A FAD C . 7.14 -24.07 27.65
N6A FAD C . 8.31 -24.03 28.27
N1A FAD C . 6.75 -25.29 27.13
C2A FAD C . 5.88 -25.36 26.05
N3A FAD C . 5.41 -24.20 25.49
C4A FAD C . 5.77 -23.00 25.98
N1 FAD C . 4.21 -9.03 15.30
C2 FAD C . 4.07 -8.67 13.97
O2 FAD C . 4.85 -9.10 13.13
N3 FAD C . 3.07 -7.80 13.60
C4 FAD C . 2.18 -7.31 14.53
O4 FAD C . 1.11 -6.87 14.09
C4X FAD C . 2.30 -7.68 15.88
N5 FAD C . 1.43 -7.20 16.85
C5X FAD C . 1.56 -7.60 18.18
C6 FAD C . 0.67 -7.10 19.14
C7 FAD C . 0.80 -7.47 20.46
C7M FAD C . -0.23 -7.00 21.45
C8 FAD C . 1.82 -8.36 20.85
C8M FAD C . 1.83 -8.96 22.23
C9 FAD C . 2.71 -8.85 19.90
C9A FAD C . 2.59 -8.47 18.56
N10 FAD C . 3.48 -8.93 17.59
C10 FAD C . 3.33 -8.55 16.25
C1' FAD C . 4.75 -9.64 17.99
C2' FAD C . 4.61 -11.13 17.67
O2' FAD C . 3.40 -11.61 18.22
C3' FAD C . 5.75 -11.94 18.24
O3' FAD C . 6.98 -11.40 17.77
C4' FAD C . 5.60 -13.41 17.83
O4' FAD C . 4.38 -13.96 18.32
C5' FAD C . 6.80 -14.19 18.35
O5' FAD C . 6.69 -15.56 18.04
P FAD C . 7.42 -16.61 18.99
O1P FAD C . 7.37 -17.98 18.38
O2P FAD C . 8.83 -16.18 19.33
O3P FAD C . 6.58 -16.53 20.36
PA NAD D . 8.32 -1.11 24.21
O1A NAD D . 8.26 -0.53 22.85
O2A NAD D . 9.72 -1.42 24.59
O5B NAD D . 7.70 -0.07 25.27
C5B NAD D . 8.54 0.73 26.08
C4B NAD D . 7.70 1.75 26.83
O4B NAD D . 7.62 1.43 28.20
C3B NAD D . 8.30 3.15 26.75
O3B NAD D . 7.47 3.97 25.97
C2B NAD D . 8.32 3.64 28.20
O2B NAD D . 7.80 4.95 28.30
C1B NAD D . 7.43 2.65 28.91
N9A NAD D . 7.67 2.56 30.37
C8A NAD D . 8.37 1.58 31.03
N7A NAD D . 8.33 1.85 32.36
C5A NAD D . 7.62 2.98 32.56
C6A NAD D . 7.27 3.69 33.72
N6A NAD D . 7.35 3.10 34.91
N1A NAD D . 6.50 4.84 33.60
C2A NAD D . 6.07 5.27 32.35
N3A NAD D . 6.43 4.56 31.21
C4A NAD D . 7.18 3.43 31.31
O3 NAD D . 7.44 -2.49 24.29
PN NAD D . 5.95 -2.82 23.72
O1N NAD D . 5.30 -1.62 23.14
O2N NAD D . 5.23 -3.55 24.80
O5D NAD D . 6.20 -3.85 22.50
C5D NAD D . 6.81 -5.12 22.63
C4D NAD D . 7.25 -5.69 21.26
O4D NAD D . 6.18 -6.32 20.56
C3D NAD D . 7.86 -4.66 20.32
O3D NAD D . 9.28 -4.65 20.35
C2D NAD D . 7.34 -5.02 18.93
O2D NAD D . 8.36 -5.53 18.10
C1D NAD D . 6.24 -6.05 19.16
N1N NAD D . 4.97 -5.49 18.64
C2N NAD D . 4.75 -5.42 17.27
C3N NAD D . 3.58 -4.88 16.75
C7N NAD D . 3.47 -4.57 15.27
O7N NAD D . 4.43 -5.08 14.38
N7N NAD D . 2.47 -3.82 14.82
C4N NAD D . 2.60 -4.41 17.63
C5N NAD D . 2.81 -4.48 19.00
C6N NAD D . 4.01 -5.03 19.49
CL CL E . -1.10 -33.67 2.22
CL CL F . 4.15 -27.85 35.33
NI NI G . 21.06 -38.56 27.09
CL CL H . 7.96 -19.35 31.82
NI NI I . 12.09 -41.14 20.55
CL CL J . -7.20 4.49 10.64
PA FAD K . -3.28 16.54 -21.15
O1A FAD K . -2.96 16.37 -19.68
O2A FAD K . -4.70 16.18 -21.50
O5B FAD K . -2.94 18.05 -21.61
C5B FAD K . -3.21 18.52 -22.92
C4B FAD K . -3.66 19.97 -22.85
O4B FAD K . -3.42 20.66 -24.07
C3B FAD K . -5.15 20.08 -22.60
O3B FAD K . -5.28 20.92 -21.48
C2B FAD K . -5.72 20.74 -23.85
O2B FAD K . -6.74 21.67 -23.52
C1B FAD K . -4.53 21.46 -24.44
N9A FAD K . -4.53 21.58 -25.90
C8A FAD K . -4.94 20.65 -26.83
N7A FAD K . -4.76 21.15 -28.06
C5A FAD K . -4.25 22.39 -27.96
C6A FAD K . -3.86 23.33 -28.91
N6A FAD K . -3.56 22.93 -30.15
N1A FAD K . -3.35 24.54 -28.47
C2A FAD K . -3.21 24.80 -27.12
N3A FAD K . -3.59 23.85 -26.18
C4A FAD K . -4.09 22.67 -26.60
N1 FAD K . -3.56 8.90 -15.57
C2 FAD K . -2.94 8.45 -14.43
O2 FAD K . -1.70 8.40 -14.36
N3 FAD K . -3.70 8.06 -13.35
C4 FAD K . -5.07 8.13 -13.41
O4 FAD K . -5.72 7.81 -12.41
C4X FAD K . -5.71 8.58 -14.57
N5 FAD K . -7.09 8.64 -14.64
C5X FAD K . -7.72 9.10 -15.79
C6 FAD K . -9.11 9.14 -15.83
C7 FAD K . -9.75 9.59 -16.97
C7M FAD K . -11.25 9.71 -16.95
C8 FAD K . -9.00 10.01 -18.09
C8M FAD K . -9.66 10.72 -19.24
C9 FAD K . -7.60 9.96 -18.05
C9A FAD K . -6.95 9.50 -16.90
N10 FAD K . -5.56 9.42 -16.83
C10 FAD K . -4.94 8.97 -15.67
C1' FAD K . -4.71 9.74 -18.04
C2' FAD K . -4.05 11.11 -17.85
O2' FAD K . -5.03 12.07 -17.52
C3' FAD K . -3.30 11.55 -19.09
O3' FAD K . -2.36 10.54 -19.43
C4' FAD K . -2.54 12.85 -18.87
O4' FAD K . -3.42 13.90 -18.51
C5' FAD K . -1.77 13.18 -20.15
O5' FAD K . -1.14 14.43 -20.08
P FAD K . -0.83 15.18 -21.45
O1P FAD K . 0.06 16.38 -21.18
O2P FAD K . -0.23 14.24 -22.46
O3P FAD K . -2.26 15.65 -22.00
PA NAD L . -9.44 1.36 -23.72
O1A NAD L . -8.55 1.01 -22.58
O2A NAD L . -8.65 1.63 -24.95
O5B NAD L . -10.49 0.15 -23.99
C5B NAD L . -11.10 -0.04 -25.25
C4B NAD L . -12.51 -0.57 -25.04
O4B NAD L . -13.42 -0.03 -25.98
C3B NAD L . -12.58 -2.08 -25.22
O3B NAD L . -12.83 -2.71 -23.98
C2B NAD L . -13.72 -2.32 -26.19
O2B NAD L . -14.59 -3.34 -25.72
C1B NAD L . -14.43 -0.99 -26.24
N9A NAD L . -15.16 -0.78 -27.51
C8A NAD L . -14.69 -0.13 -28.63
N7A NAD L . -15.66 -0.13 -29.57
C5A NAD L . -16.74 -0.78 -29.09
C6A NAD L . -17.99 -1.07 -29.65
N6A NAD L . -18.40 -0.40 -30.72
N1A NAD L . -18.91 -1.77 -28.90
C2A NAD L . -18.60 -2.17 -27.61
N3A NAD L . -17.36 -1.88 -27.07
C4A NAD L . -16.44 -1.19 -27.79
O3 NAD L . -10.37 2.63 -23.35
PN NAD L . -10.18 3.71 -22.13
O1N NAD L . -10.35 3.00 -20.84
O2N NAD L . -11.08 4.84 -22.45
O5D NAD L . -8.65 4.22 -22.23
C5D NAD L . -8.22 5.41 -21.57
C4D NAD L . -6.71 5.47 -21.30
O4D NAD L . -6.45 6.46 -20.29
C3D NAD L . -6.11 4.16 -20.80
O3D NAD L . -5.39 3.48 -21.81
C2D NAD L . -5.23 4.53 -19.63
O2D NAD L . -3.86 4.48 -19.99
C1D NAD L . -5.65 5.94 -19.24
N1N NAD L . -6.39 5.89 -17.95
C2N NAD L . -5.71 5.70 -16.76
C3N NAD L . -6.40 5.62 -15.53
C7N NAD L . -5.70 5.13 -14.28
O7N NAD L . -4.29 5.11 -14.23
N7N NAD L . -6.42 4.74 -13.23
C4N NAD L . -7.79 5.74 -15.53
C5N NAD L . -8.46 5.93 -16.73
C6N NAD L . -7.75 6.01 -17.93
CL CL M . 10.35 31.60 -5.71
CL CL N . -9.37 28.93 -33.29
NI NI O . 11.29 31.43 -39.46
CL CL P . -7.55 18.58 -32.23
NI NI Q . 10.54 36.13 -29.10
CL CL R . -13.33 0.43 -2.61
#